data_4FNJ
# 
_entry.id   4FNJ 
# 
_audit_conform.dict_name       mmcif_pdbx.dic 
_audit_conform.dict_version    5.387 
_audit_conform.dict_location   http://mmcif.pdb.org/dictionaries/ascii/mmcif_pdbx.dic 
# 
loop_
_database_2.database_id 
_database_2.database_code 
_database_2.pdbx_database_accession 
_database_2.pdbx_DOI 
PDB   4FNJ         pdb_00004fnj 10.2210/pdb4fnj/pdb 
NDB   NA1873       ?            ?                   
RCSB  RCSB073121   ?            ?                   
WWPDB D_1000073121 ?            ?                   
# 
loop_
_pdbx_audit_revision_history.ordinal 
_pdbx_audit_revision_history.data_content_type 
_pdbx_audit_revision_history.major_revision 
_pdbx_audit_revision_history.minor_revision 
_pdbx_audit_revision_history.revision_date 
1 'Structure model' 1 0 2012-10-17 
2 'Structure model' 1 1 2012-11-07 
3 'Structure model' 1 2 2024-02-28 
# 
_pdbx_audit_revision_details.ordinal             1 
_pdbx_audit_revision_details.revision_ordinal    1 
_pdbx_audit_revision_details.data_content_type   'Structure model' 
_pdbx_audit_revision_details.provider            repository 
_pdbx_audit_revision_details.type                'Initial release' 
_pdbx_audit_revision_details.description         ? 
_pdbx_audit_revision_details.details             ? 
# 
loop_
_pdbx_audit_revision_group.ordinal 
_pdbx_audit_revision_group.revision_ordinal 
_pdbx_audit_revision_group.data_content_type 
_pdbx_audit_revision_group.group 
1 2 'Structure model' 'Database references'  
2 3 'Structure model' 'Data collection'      
3 3 'Structure model' 'Database references'  
4 3 'Structure model' 'Derived calculations' 
# 
loop_
_pdbx_audit_revision_category.ordinal 
_pdbx_audit_revision_category.revision_ordinal 
_pdbx_audit_revision_category.data_content_type 
_pdbx_audit_revision_category.category 
1 3 'Structure model' chem_comp_atom         
2 3 'Structure model' chem_comp_bond         
3 3 'Structure model' database_2             
4 3 'Structure model' pdbx_struct_conn_angle 
5 3 'Structure model' struct_conn            
6 3 'Structure model' struct_site            
# 
loop_
_pdbx_audit_revision_item.ordinal 
_pdbx_audit_revision_item.revision_ordinal 
_pdbx_audit_revision_item.data_content_type 
_pdbx_audit_revision_item.item 
1  3 'Structure model' '_database_2.pdbx_DOI'                        
2  3 'Structure model' '_database_2.pdbx_database_accession'         
3  3 'Structure model' '_pdbx_struct_conn_angle.ptnr1_auth_comp_id'  
4  3 'Structure model' '_pdbx_struct_conn_angle.ptnr1_auth_seq_id'   
5  3 'Structure model' '_pdbx_struct_conn_angle.ptnr1_label_asym_id' 
6  3 'Structure model' '_pdbx_struct_conn_angle.ptnr1_label_atom_id' 
7  3 'Structure model' '_pdbx_struct_conn_angle.ptnr1_label_comp_id' 
8  3 'Structure model' '_pdbx_struct_conn_angle.ptnr1_label_seq_id'  
9  3 'Structure model' '_pdbx_struct_conn_angle.ptnr2_auth_seq_id'   
10 3 'Structure model' '_pdbx_struct_conn_angle.ptnr2_label_asym_id' 
11 3 'Structure model' '_pdbx_struct_conn_angle.ptnr3_auth_comp_id'  
12 3 'Structure model' '_pdbx_struct_conn_angle.ptnr3_auth_seq_id'   
13 3 'Structure model' '_pdbx_struct_conn_angle.ptnr3_label_asym_id' 
14 3 'Structure model' '_pdbx_struct_conn_angle.ptnr3_label_atom_id' 
15 3 'Structure model' '_pdbx_struct_conn_angle.ptnr3_label_comp_id' 
16 3 'Structure model' '_pdbx_struct_conn_angle.ptnr3_label_seq_id'  
17 3 'Structure model' '_pdbx_struct_conn_angle.value'               
18 3 'Structure model' '_struct_conn.pdbx_dist_value'                
19 3 'Structure model' '_struct_conn.ptnr1_auth_comp_id'             
20 3 'Structure model' '_struct_conn.ptnr1_auth_seq_id'              
21 3 'Structure model' '_struct_conn.ptnr1_label_asym_id'            
22 3 'Structure model' '_struct_conn.ptnr1_label_atom_id'            
23 3 'Structure model' '_struct_conn.ptnr1_label_comp_id'            
24 3 'Structure model' '_struct_conn.ptnr1_label_seq_id'             
25 3 'Structure model' '_struct_conn.ptnr2_auth_comp_id'             
26 3 'Structure model' '_struct_conn.ptnr2_auth_seq_id'              
27 3 'Structure model' '_struct_conn.ptnr2_label_asym_id'            
28 3 'Structure model' '_struct_conn.ptnr2_label_atom_id'            
29 3 'Structure model' '_struct_conn.ptnr2_label_comp_id'            
30 3 'Structure model' '_struct_site.pdbx_auth_asym_id'              
31 3 'Structure model' '_struct_site.pdbx_auth_comp_id'              
32 3 'Structure model' '_struct_site.pdbx_auth_seq_id'               
# 
_pdbx_database_status.status_code                     REL 
_pdbx_database_status.entry_id                        4FNJ 
_pdbx_database_status.recvd_initial_deposition_date   2012-06-19 
_pdbx_database_status.deposit_site                    RCSB 
_pdbx_database_status.process_site                    RCSB 
_pdbx_database_status.status_code_sf                  REL 
_pdbx_database_status.status_code_mr                  ? 
_pdbx_database_status.SG_entry                        ? 
_pdbx_database_status.status_code_cs                  ? 
_pdbx_database_status.methods_development_category    ? 
_pdbx_database_status.pdb_format_compatible           Y 
_pdbx_database_status.status_code_nmr_data            ? 
# 
loop_
_audit_author.name 
_audit_author.pdbx_ordinal 
'Coonrod, L.A.'  1 
'Lohman, J.R.'   2 
'Berglund, J.A.' 3 
# 
_citation.id                        primary 
_citation.title                     
'Utilizing the GAAA Tetraloop/Receptor To Facilitate Crystal Packing and Determination of the Structure of a CUG RNA Helix.' 
_citation.journal_abbrev            Biochemistry 
_citation.journal_volume            51 
_citation.page_first                8330 
_citation.page_last                 8337 
_citation.year                      2012 
_citation.journal_id_ASTM           BICHAW 
_citation.country                   US 
_citation.journal_id_ISSN           0006-2960 
_citation.journal_id_CSD            0033 
_citation.book_publisher            ? 
_citation.pdbx_database_id_PubMed   23025897 
_citation.pdbx_database_id_DOI      10.1021/bi300829w 
# 
loop_
_citation_author.citation_id 
_citation_author.name 
_citation_author.ordinal 
_citation_author.identifier_ORCID 
primary 'Coonrod, L.A.'  1 ? 
primary 'Lohman, J.R.'   2 ? 
primary 'Berglund, J.A.' 3 ? 
# 
loop_
_entity.id 
_entity.type 
_entity.src_method 
_entity.pdbx_description 
_entity.formula_weight 
_entity.pdbx_number_of_molecules 
_entity.pdbx_ec 
_entity.pdbx_mutation 
_entity.pdbx_fragment 
_entity.details 
1 polymer     syn 'RNA (35-MER)'  11253.693 1  ? ? ? ? 
2 non-polymer syn 'MAGNESIUM ION' 24.305    5  ? ? ? ? 
3 water       nat water           18.015    44 ? ? ? ? 
# 
_entity_poly.entity_id                      1 
_entity_poly.type                           polyribonucleotide 
_entity_poly.nstd_linkage                   no 
_entity_poly.nstd_monomer                   no 
_entity_poly.pdbx_seq_one_letter_code       CUGCUGGCUAAGGCAUGAAAGUGCUAUGCCUGCUG 
_entity_poly.pdbx_seq_one_letter_code_can   CUGCUGGCUAAGGCAUGAAAGUGCUAUGCCUGCUG 
_entity_poly.pdbx_strand_id                 A 
_entity_poly.pdbx_target_identifier         ? 
# 
loop_
_pdbx_entity_nonpoly.entity_id 
_pdbx_entity_nonpoly.name 
_pdbx_entity_nonpoly.comp_id 
2 'MAGNESIUM ION' MG  
3 water           HOH 
# 
loop_
_entity_poly_seq.entity_id 
_entity_poly_seq.num 
_entity_poly_seq.mon_id 
_entity_poly_seq.hetero 
1 1  C n 
1 2  U n 
1 3  G n 
1 4  C n 
1 5  U n 
1 6  G n 
1 7  G n 
1 8  C n 
1 9  U n 
1 10 A n 
1 11 A n 
1 12 G n 
1 13 G n 
1 14 C n 
1 15 A n 
1 16 U n 
1 17 G n 
1 18 A n 
1 19 A n 
1 20 A n 
1 21 G n 
1 22 U n 
1 23 G n 
1 24 C n 
1 25 U n 
1 26 A n 
1 27 U n 
1 28 G n 
1 29 C n 
1 30 C n 
1 31 U n 
1 32 G n 
1 33 C n 
1 34 U n 
1 35 G n 
# 
_pdbx_entity_src_syn.entity_id              1 
_pdbx_entity_src_syn.pdbx_src_id            1 
_pdbx_entity_src_syn.pdbx_alt_source_flag   sample 
_pdbx_entity_src_syn.pdbx_beg_seq_num       ? 
_pdbx_entity_src_syn.pdbx_end_seq_num       ? 
_pdbx_entity_src_syn.organism_scientific    'synthetic construct' 
_pdbx_entity_src_syn.organism_common_name   artificial 
_pdbx_entity_src_syn.ncbi_taxonomy_id       32630 
_pdbx_entity_src_syn.details                ? 
# 
loop_
_chem_comp.id 
_chem_comp.type 
_chem_comp.mon_nstd_flag 
_chem_comp.name 
_chem_comp.pdbx_synonyms 
_chem_comp.formula 
_chem_comp.formula_weight 
A   'RNA linking' y "ADENOSINE-5'-MONOPHOSPHATE" ? 'C10 H14 N5 O7 P' 347.221 
C   'RNA linking' y "CYTIDINE-5'-MONOPHOSPHATE"  ? 'C9 H14 N3 O8 P'  323.197 
G   'RNA linking' y "GUANOSINE-5'-MONOPHOSPHATE" ? 'C10 H14 N5 O8 P' 363.221 
HOH non-polymer   . WATER                        ? 'H2 O'            18.015  
MG  non-polymer   . 'MAGNESIUM ION'              ? 'Mg 2'            24.305  
U   'RNA linking' y "URIDINE-5'-MONOPHOSPHATE"   ? 'C9 H13 N2 O9 P'  324.181 
# 
loop_
_pdbx_poly_seq_scheme.asym_id 
_pdbx_poly_seq_scheme.entity_id 
_pdbx_poly_seq_scheme.seq_id 
_pdbx_poly_seq_scheme.mon_id 
_pdbx_poly_seq_scheme.ndb_seq_num 
_pdbx_poly_seq_scheme.pdb_seq_num 
_pdbx_poly_seq_scheme.auth_seq_num 
_pdbx_poly_seq_scheme.pdb_mon_id 
_pdbx_poly_seq_scheme.auth_mon_id 
_pdbx_poly_seq_scheme.pdb_strand_id 
_pdbx_poly_seq_scheme.pdb_ins_code 
_pdbx_poly_seq_scheme.hetero 
A 1 1  C 1  1  1  C C A . n 
A 1 2  U 2  2  2  U U A . n 
A 1 3  G 3  3  3  G G A . n 
A 1 4  C 4  4  4  C C A . n 
A 1 5  U 5  5  5  U U A . n 
A 1 6  G 6  6  6  G G A . n 
A 1 7  G 7  7  7  G G A . n 
A 1 8  C 8  8  8  C C A . n 
A 1 9  U 9  9  9  U U A . n 
A 1 10 A 10 10 10 A A A . n 
A 1 11 A 11 11 11 A A A . n 
A 1 12 G 12 12 12 G G A . n 
A 1 13 G 13 13 13 G G A . n 
A 1 14 C 14 14 14 C C A . n 
A 1 15 A 15 15 15 A A A . n 
A 1 16 U 16 16 16 U U A . n 
A 1 17 G 17 17 17 G G A . n 
A 1 18 A 18 18 18 A A A . n 
A 1 19 A 19 19 19 A A A . n 
A 1 20 A 20 20 20 A A A . n 
A 1 21 G 21 21 21 G G A . n 
A 1 22 U 22 22 22 U U A . n 
A 1 23 G 23 23 23 G G A . n 
A 1 24 C 24 24 24 C C A . n 
A 1 25 U 25 25 25 U U A . n 
A 1 26 A 26 26 26 A A A . n 
A 1 27 U 27 27 27 U U A . n 
A 1 28 G 28 28 28 G G A . n 
A 1 29 C 29 29 29 C C A . n 
A 1 30 C 30 30 30 C C A . n 
A 1 31 U 31 31 31 U U A . n 
A 1 32 G 32 32 32 G G A . n 
A 1 33 C 33 33 33 C C A . n 
A 1 34 U 34 34 34 U U A . n 
A 1 35 G 35 35 35 G G A . n 
# 
loop_
_pdbx_nonpoly_scheme.asym_id 
_pdbx_nonpoly_scheme.entity_id 
_pdbx_nonpoly_scheme.mon_id 
_pdbx_nonpoly_scheme.ndb_seq_num 
_pdbx_nonpoly_scheme.pdb_seq_num 
_pdbx_nonpoly_scheme.auth_seq_num 
_pdbx_nonpoly_scheme.pdb_mon_id 
_pdbx_nonpoly_scheme.auth_mon_id 
_pdbx_nonpoly_scheme.pdb_strand_id 
_pdbx_nonpoly_scheme.pdb_ins_code 
B 2 MG  1  101 1   MG  MG  A . 
C 2 MG  1  102 1   MG  MG  A . 
D 2 MG  1  103 1   MG  MG  A . 
E 2 MG  1  104 1   MG  MG  A . 
F 2 MG  1  105 1   MG  MG  A . 
G 3 HOH 1  201 2   HOH HOH A . 
G 3 HOH 2  202 3   HOH HOH A . 
G 3 HOH 3  203 4   HOH HOH A . 
G 3 HOH 4  204 7   HOH HOH A . 
G 3 HOH 5  205 9   HOH HOH A . 
G 3 HOH 6  206 10  HOH HOH A . 
G 3 HOH 7  207 11  HOH HOH A . 
G 3 HOH 8  208 13  HOH HOH A . 
G 3 HOH 9  209 14  HOH HOH A . 
G 3 HOH 10 210 16  HOH HOH A . 
G 3 HOH 11 211 20  HOH HOH A . 
G 3 HOH 12 212 25  HOH HOH A . 
G 3 HOH 13 213 33  HOH HOH A . 
G 3 HOH 14 214 37  HOH HOH A . 
G 3 HOH 15 215 42  HOH HOH A . 
G 3 HOH 16 216 45  HOH HOH A . 
G 3 HOH 17 217 49  HOH HOH A . 
G 3 HOH 18 218 50  HOH HOH A . 
G 3 HOH 19 219 55  HOH HOH A . 
G 3 HOH 20 220 69  HOH HOH A . 
G 3 HOH 21 221 72  HOH HOH A . 
G 3 HOH 22 222 73  HOH HOH A . 
G 3 HOH 23 223 74  HOH HOH A . 
G 3 HOH 24 224 76  HOH HOH A . 
G 3 HOH 25 225 77  HOH HOH A . 
G 3 HOH 26 226 78  HOH HOH A . 
G 3 HOH 27 227 79  HOH HOH A . 
G 3 HOH 28 228 80  HOH HOH A . 
G 3 HOH 29 229 81  HOH HOH A . 
G 3 HOH 30 230 83  HOH HOH A . 
G 3 HOH 31 231 84  HOH HOH A . 
G 3 HOH 32 232 86  HOH HOH A . 
G 3 HOH 33 233 88  HOH HOH A . 
G 3 HOH 34 234 91  HOH HOH A . 
G 3 HOH 35 235 92  HOH HOH A . 
G 3 HOH 36 236 93  HOH HOH A . 
G 3 HOH 37 237 94  HOH HOH A . 
G 3 HOH 38 238 95  HOH HOH A . 
G 3 HOH 39 239 96  HOH HOH A . 
G 3 HOH 40 240 97  HOH HOH A . 
G 3 HOH 41 241 102 HOH HOH A . 
G 3 HOH 42 242 104 HOH HOH A . 
G 3 HOH 43 243 108 HOH HOH A . 
G 3 HOH 44 244 110 HOH HOH A . 
# 
loop_
_software.name 
_software.classification 
_software.version 
_software.citation_id 
_software.pdbx_ordinal 
HKL-2000 'data collection' .        ? 1 
MOLREP   phasing           .        ? 2 
REFMAC   refinement        5.6.0117 ? 3 
HKL-2000 'data reduction'  .        ? 4 
HKL-2000 'data scaling'    .        ? 5 
# 
_cell.entry_id           4FNJ 
_cell.length_a           70.336 
_cell.length_b           70.336 
_cell.length_c           68.236 
_cell.angle_alpha        90.00 
_cell.angle_beta         90.00 
_cell.angle_gamma        120.00 
_cell.Z_PDB              9 
_cell.pdbx_unique_axis   ? 
_cell.length_a_esd       ? 
_cell.length_b_esd       ? 
_cell.length_c_esd       ? 
_cell.angle_alpha_esd    ? 
_cell.angle_beta_esd     ? 
_cell.angle_gamma_esd    ? 
# 
_symmetry.entry_id                         4FNJ 
_symmetry.space_group_name_H-M             'H 3' 
_symmetry.pdbx_full_space_group_name_H-M   ? 
_symmetry.cell_setting                     ? 
_symmetry.Int_Tables_number                146 
_symmetry.space_group_name_Hall            ? 
# 
_exptl.entry_id          4FNJ 
_exptl.method            'X-RAY DIFFRACTION' 
_exptl.crystals_number   1 
# 
_exptl_crystal.id                    1 
_exptl_crystal.density_meas          ? 
_exptl_crystal.density_Matthews      2.89 
_exptl_crystal.density_percent_sol   57.39 
_exptl_crystal.description           ? 
_exptl_crystal.F_000                 ? 
_exptl_crystal.preparation           ? 
# 
_exptl_crystal_grow.crystal_id      1 
_exptl_crystal_grow.method          'VAPOR DIFFUSION, HANGING DROP' 
_exptl_crystal_grow.temp            296 
_exptl_crystal_grow.temp_details    ? 
_exptl_crystal_grow.pH              8.5 
_exptl_crystal_grow.pdbx_details    
'0.004M MgSO4, 0.05M Tris, 30% 1,6-hexanediol, VAPOR DIFFUSION, HANGING DROP, temperature 296K, pH 8.5' 
_exptl_crystal_grow.pdbx_pH_range   ? 
# 
_diffrn.id                     1 
_diffrn.ambient_temp           100 
_diffrn.ambient_temp_details   ? 
_diffrn.crystal_id             1 
# 
_diffrn_detector.diffrn_id              1 
_diffrn_detector.detector               CCD 
_diffrn_detector.type                   'ADSC QUANTUM 315r' 
_diffrn_detector.pdbx_collection_date   2009-12-17 
_diffrn_detector.details                ? 
# 
_diffrn_radiation.diffrn_id                        1 
_diffrn_radiation.wavelength_id                    1 
_diffrn_radiation.pdbx_monochromatic_or_laue_m_l   M 
_diffrn_radiation.monochromator                    'Si(220) Asymmetric cut single crystal' 
_diffrn_radiation.pdbx_diffrn_protocol             'SINGLE WAVELENGTH' 
_diffrn_radiation.pdbx_scattering_type             x-ray 
# 
_diffrn_radiation_wavelength.id           1 
_diffrn_radiation_wavelength.wavelength   0.97740 
_diffrn_radiation_wavelength.wt           1.0 
# 
_diffrn_source.diffrn_id                   1 
_diffrn_source.source                      SYNCHROTRON 
_diffrn_source.type                        'ALS BEAMLINE 5.0.1' 
_diffrn_source.pdbx_synchrotron_site       ALS 
_diffrn_source.pdbx_synchrotron_beamline   5.0.1 
_diffrn_source.pdbx_wavelength             ? 
_diffrn_source.pdbx_wavelength_list        0.97740 
# 
_reflns.entry_id                     4FNJ 
_reflns.observed_criterion_sigma_I   -3 
_reflns.observed_criterion_sigma_F   0 
_reflns.d_resolution_low             50.0 
_reflns.d_resolution_high            1.95 
_reflns.number_obs                   9054 
_reflns.number_all                   ? 
_reflns.percent_possible_obs         99.3 
_reflns.pdbx_Rmerge_I_obs            ? 
_reflns.pdbx_Rsym_value              ? 
_reflns.pdbx_netI_over_sigmaI        ? 
_reflns.B_iso_Wilson_estimate        ? 
_reflns.pdbx_redundancy              ? 
_reflns.R_free_details               ? 
_reflns.limit_h_max                  ? 
_reflns.limit_h_min                  ? 
_reflns.limit_k_max                  ? 
_reflns.limit_k_min                  ? 
_reflns.limit_l_max                  ? 
_reflns.limit_l_min                  ? 
_reflns.observed_criterion_F_max     ? 
_reflns.observed_criterion_F_min     ? 
_reflns.pdbx_chi_squared             ? 
_reflns.pdbx_scaling_rejects         ? 
_reflns.pdbx_ordinal                 1 
_reflns.pdbx_diffrn_id               1 
# 
_reflns_shell.d_res_high             1.95 
_reflns_shell.d_res_low              2.02 
_reflns_shell.percent_possible_all   98.9 
_reflns_shell.Rmerge_I_obs           0.654 
_reflns_shell.pdbx_Rsym_value        ? 
_reflns_shell.meanI_over_sigI_obs    2.159 
_reflns_shell.pdbx_redundancy        ? 
_reflns_shell.percent_possible_obs   ? 
_reflns_shell.number_unique_all      ? 
_reflns_shell.number_measured_all    ? 
_reflns_shell.number_measured_obs    ? 
_reflns_shell.number_unique_obs      ? 
_reflns_shell.pdbx_chi_squared       ? 
_reflns_shell.pdbx_ordinal           1 
_reflns_shell.pdbx_diffrn_id         1 
# 
_refine.entry_id                                 4FNJ 
_refine.ls_number_reflns_obs                     8621 
_refine.ls_number_reflns_all                     9125 
_refine.pdbx_ls_sigma_I                          ? 
_refine.pdbx_ls_sigma_F                          . 
_refine.pdbx_data_cutoff_high_absF               ? 
_refine.pdbx_data_cutoff_low_absF                ? 
_refine.pdbx_data_cutoff_high_rms_absF           ? 
_refine.ls_d_res_low                             22.75 
_refine.ls_d_res_high                            1.95 
_refine.ls_percent_reflns_obs                    99.18 
_refine.ls_R_factor_obs                          0.21079 
_refine.ls_R_factor_all                          ? 
_refine.ls_R_factor_R_work                       0.20809 
_refine.ls_R_factor_R_free                       0.26642 
_refine.ls_R_factor_R_free_error                 ? 
_refine.ls_R_factor_R_free_error_details         ? 
_refine.ls_percent_reflns_R_free                 4.8 
_refine.ls_number_reflns_R_free                  433 
_refine.ls_number_parameters                     ? 
_refine.ls_number_restraints                     ? 
_refine.occupancy_min                            ? 
_refine.occupancy_max                            ? 
_refine.correlation_coeff_Fo_to_Fc               0.972 
_refine.correlation_coeff_Fo_to_Fc_free          0.956 
_refine.B_iso_mean                               55.045 
_refine.aniso_B[1][1]                            -0.16 
_refine.aniso_B[2][2]                            -0.16 
_refine.aniso_B[3][3]                            0.24 
_refine.aniso_B[1][2]                            -0.08 
_refine.aniso_B[1][3]                            0.00 
_refine.aniso_B[2][3]                            0.00 
_refine.solvent_model_details                    MASK 
_refine.solvent_model_param_ksol                 ? 
_refine.solvent_model_param_bsol                 ? 
_refine.pdbx_solvent_vdw_probe_radii             1.20 
_refine.pdbx_solvent_ion_probe_radii             0.80 
_refine.pdbx_solvent_shrinkage_radii             0.80 
_refine.pdbx_ls_cross_valid_method               THROUGHOUT 
_refine.details                                  'HYDROGENS HAVE BEEN USED IF PRESENT IN THE INPUT' 
_refine.pdbx_starting_model                      ? 
_refine.pdbx_method_to_determine_struct          'MOLECULAR REPLACEMENT' 
_refine.pdbx_isotropic_thermal_model             ? 
_refine.pdbx_stereochemistry_target_values       'MAXIMUM LIKELIHOOD' 
_refine.pdbx_stereochem_target_val_spec_case     ? 
_refine.pdbx_R_Free_selection_details            RANDOM 
_refine.pdbx_overall_ESU_R                       0.158 
_refine.pdbx_overall_ESU_R_Free                  0.161 
_refine.overall_SU_ML                            0.149 
_refine.pdbx_overall_phase_error                 ? 
_refine.overall_SU_B                             5.449 
_refine.overall_SU_R_Cruickshank_DPI             ? 
_refine.ls_redundancy_reflns_obs                 ? 
_refine.B_iso_min                                ? 
_refine.B_iso_max                                ? 
_refine.overall_SU_R_free                        ? 
_refine.ls_wR_factor_R_free                      ? 
_refine.ls_wR_factor_R_work                      ? 
_refine.overall_FOM_free_R_set                   ? 
_refine.overall_FOM_work_R_set                   ? 
_refine.pdbx_diffrn_id                           1 
_refine.pdbx_refine_id                           'X-RAY DIFFRACTION' 
_refine.pdbx_TLS_residual_ADP_flag               ? 
_refine.pdbx_overall_SU_R_free_Cruickshank_DPI   ? 
_refine.pdbx_overall_SU_R_Blow_DPI               ? 
_refine.pdbx_overall_SU_R_free_Blow_DPI          ? 
# 
_refine_hist.pdbx_refine_id                   'X-RAY DIFFRACTION' 
_refine_hist.cycle_id                         LAST 
_refine_hist.pdbx_number_atoms_protein        0 
_refine_hist.pdbx_number_atoms_nucleic_acid   744 
_refine_hist.pdbx_number_atoms_ligand         5 
_refine_hist.number_atoms_solvent             44 
_refine_hist.number_atoms_total               793 
_refine_hist.d_res_high                       1.95 
_refine_hist.d_res_low                        22.75 
# 
loop_
_refine_ls_restr.type 
_refine_ls_restr.dev_ideal 
_refine_ls_restr.dev_ideal_target 
_refine_ls_restr.weight 
_refine_ls_restr.number 
_refine_ls_restr.pdbx_restraint_function 
_refine_ls_restr.pdbx_refine_id 
r_bond_refined_d             0.008 0.011 ? 831  ? 'X-RAY DIFFRACTION' 
r_angle_refined_deg          2.256 1.467 ? 1294 ? 'X-RAY DIFFRACTION' 
r_angle_other_deg            ?     ?     ? ?    ? 'X-RAY DIFFRACTION' 
r_dihedral_angle_1_deg       ?     ?     ? ?    ? 'X-RAY DIFFRACTION' 
r_dihedral_angle_2_deg       ?     ?     ? ?    ? 'X-RAY DIFFRACTION' 
r_dihedral_angle_3_deg       ?     ?     ? ?    ? 'X-RAY DIFFRACTION' 
r_dihedral_angle_4_deg       ?     ?     ? ?    ? 'X-RAY DIFFRACTION' 
r_chiral_restr               0.129 0.200 ? 140  ? 'X-RAY DIFFRACTION' 
r_gen_planes_refined         0.020 0.020 ? 362  ? 'X-RAY DIFFRACTION' 
r_gen_planes_other           ?     ?     ? ?    ? 'X-RAY DIFFRACTION' 
r_nbd_refined                ?     ?     ? ?    ? 'X-RAY DIFFRACTION' 
r_nbd_other                  ?     ?     ? ?    ? 'X-RAY DIFFRACTION' 
r_nbtor_refined              ?     ?     ? ?    ? 'X-RAY DIFFRACTION' 
r_nbtor_other                ?     ?     ? ?    ? 'X-RAY DIFFRACTION' 
r_xyhbond_nbd_refined        ?     ?     ? ?    ? 'X-RAY DIFFRACTION' 
r_xyhbond_nbd_other          ?     ?     ? ?    ? 'X-RAY DIFFRACTION' 
r_metal_ion_refined          ?     ?     ? ?    ? 'X-RAY DIFFRACTION' 
r_metal_ion_other            ?     ?     ? ?    ? 'X-RAY DIFFRACTION' 
r_symmetry_vdw_refined       ?     ?     ? ?    ? 'X-RAY DIFFRACTION' 
r_symmetry_vdw_other         ?     ?     ? ?    ? 'X-RAY DIFFRACTION' 
r_symmetry_hbond_refined     ?     ?     ? ?    ? 'X-RAY DIFFRACTION' 
r_symmetry_hbond_other       ?     ?     ? ?    ? 'X-RAY DIFFRACTION' 
r_symmetry_metal_ion_refined ?     ?     ? ?    ? 'X-RAY DIFFRACTION' 
r_symmetry_metal_ion_other   ?     ?     ? ?    ? 'X-RAY DIFFRACTION' 
r_mcbond_it                  ?     ?     ? ?    ? 'X-RAY DIFFRACTION' 
r_mcbond_other               ?     ?     ? ?    ? 'X-RAY DIFFRACTION' 
r_mcangle_it                 ?     ?     ? ?    ? 'X-RAY DIFFRACTION' 
r_scbond_it                  ?     ?     ? ?    ? 'X-RAY DIFFRACTION' 
r_scangle_it                 ?     ?     ? ?    ? 'X-RAY DIFFRACTION' 
r_rigid_bond_restr           ?     ?     ? ?    ? 'X-RAY DIFFRACTION' 
r_sphericity_free            ?     ?     ? ?    ? 'X-RAY DIFFRACTION' 
r_sphericity_bonded          ?     ?     ? ?    ? 'X-RAY DIFFRACTION' 
# 
_refine_ls_shell.pdbx_total_number_of_bins_used   20 
_refine_ls_shell.d_res_high                       1.953 
_refine_ls_shell.d_res_low                        2.003 
_refine_ls_shell.number_reflns_R_work             627 
_refine_ls_shell.R_factor_R_work                  0.359 
_refine_ls_shell.percent_reflns_obs               97.49 
_refine_ls_shell.R_factor_R_free                  0.370 
_refine_ls_shell.R_factor_R_free_error            ? 
_refine_ls_shell.percent_reflns_R_free            ? 
_refine_ls_shell.number_reflns_R_free             34 
_refine_ls_shell.number_reflns_all                ? 
_refine_ls_shell.R_factor_all                     ? 
_refine_ls_shell.number_reflns_obs                ? 
_refine_ls_shell.redundancy_reflns_obs            ? 
_refine_ls_shell.pdbx_refine_id                   'X-RAY DIFFRACTION' 
# 
_struct.entry_id                  4FNJ 
_struct.title                     
'Utilizing the GAAA tetraloop/receptor to facilitate crystal packing and structure determination of a CUG RNA helix' 
_struct.pdbx_model_details        ? 
_struct.pdbx_CASP_flag            ? 
_struct.pdbx_model_type_details   ? 
# 
_struct_keywords.entry_id        4FNJ 
_struct_keywords.pdbx_keywords   RNA 
_struct_keywords.text            'CUG repeat GAAA tetraloop/receptor, Toxic RNA, RNA' 
# 
loop_
_struct_asym.id 
_struct_asym.pdbx_blank_PDB_chainid_flag 
_struct_asym.pdbx_modified 
_struct_asym.entity_id 
_struct_asym.details 
A N N 1 ? 
B N N 2 ? 
C N N 2 ? 
D N N 2 ? 
E N N 2 ? 
F N N 2 ? 
G N N 3 ? 
# 
_struct_ref.id                         1 
_struct_ref.db_name                    PDB 
_struct_ref.db_code                    4FNJ 
_struct_ref.pdbx_db_accession          4FNJ 
_struct_ref.entity_id                  1 
_struct_ref.pdbx_align_begin           ? 
_struct_ref.pdbx_seq_one_letter_code   ? 
_struct_ref.pdbx_db_isoform            ? 
# 
_struct_ref_seq.align_id                      1 
_struct_ref_seq.ref_id                        1 
_struct_ref_seq.pdbx_PDB_id_code              4FNJ 
_struct_ref_seq.pdbx_strand_id                A 
_struct_ref_seq.seq_align_beg                 1 
_struct_ref_seq.pdbx_seq_align_beg_ins_code   ? 
_struct_ref_seq.seq_align_end                 35 
_struct_ref_seq.pdbx_seq_align_end_ins_code   ? 
_struct_ref_seq.pdbx_db_accession             4FNJ 
_struct_ref_seq.db_align_beg                  1 
_struct_ref_seq.pdbx_db_align_beg_ins_code    ? 
_struct_ref_seq.db_align_end                  35 
_struct_ref_seq.pdbx_db_align_end_ins_code    ? 
_struct_ref_seq.pdbx_auth_seq_align_beg       1 
_struct_ref_seq.pdbx_auth_seq_align_end       35 
# 
_pdbx_struct_assembly.id                   1 
_pdbx_struct_assembly.details              author_and_software_defined_assembly 
_pdbx_struct_assembly.method_details       PISA 
_pdbx_struct_assembly.oligomeric_details   monomeric 
_pdbx_struct_assembly.oligomeric_count     1 
# 
_pdbx_struct_assembly_gen.assembly_id       1 
_pdbx_struct_assembly_gen.oper_expression   1 
_pdbx_struct_assembly_gen.asym_id_list      A,B,C,D,E,F,G 
# 
_pdbx_struct_oper_list.id                   1 
_pdbx_struct_oper_list.type                 'identity operation' 
_pdbx_struct_oper_list.name                 1_555 
_pdbx_struct_oper_list.symmetry_operation   x,y,z 
_pdbx_struct_oper_list.matrix[1][1]         1.0000000000 
_pdbx_struct_oper_list.matrix[1][2]         0.0000000000 
_pdbx_struct_oper_list.matrix[1][3]         0.0000000000 
_pdbx_struct_oper_list.vector[1]            0.0000000000 
_pdbx_struct_oper_list.matrix[2][1]         0.0000000000 
_pdbx_struct_oper_list.matrix[2][2]         1.0000000000 
_pdbx_struct_oper_list.matrix[2][3]         0.0000000000 
_pdbx_struct_oper_list.vector[2]            0.0000000000 
_pdbx_struct_oper_list.matrix[3][1]         0.0000000000 
_pdbx_struct_oper_list.matrix[3][2]         0.0000000000 
_pdbx_struct_oper_list.matrix[3][3]         1.0000000000 
_pdbx_struct_oper_list.vector[3]            0.0000000000 
# 
_struct_biol.id        1 
_struct_biol.details   ? 
# 
loop_
_struct_conn.id 
_struct_conn.conn_type_id 
_struct_conn.pdbx_leaving_atom_flag 
_struct_conn.pdbx_PDB_id 
_struct_conn.ptnr1_label_asym_id 
_struct_conn.ptnr1_label_comp_id 
_struct_conn.ptnr1_label_seq_id 
_struct_conn.ptnr1_label_atom_id 
_struct_conn.pdbx_ptnr1_label_alt_id 
_struct_conn.pdbx_ptnr1_PDB_ins_code 
_struct_conn.pdbx_ptnr1_standard_comp_id 
_struct_conn.ptnr1_symmetry 
_struct_conn.ptnr2_label_asym_id 
_struct_conn.ptnr2_label_comp_id 
_struct_conn.ptnr2_label_seq_id 
_struct_conn.ptnr2_label_atom_id 
_struct_conn.pdbx_ptnr2_label_alt_id 
_struct_conn.pdbx_ptnr2_PDB_ins_code 
_struct_conn.ptnr1_auth_asym_id 
_struct_conn.ptnr1_auth_comp_id 
_struct_conn.ptnr1_auth_seq_id 
_struct_conn.ptnr2_auth_asym_id 
_struct_conn.ptnr2_auth_comp_id 
_struct_conn.ptnr2_auth_seq_id 
_struct_conn.ptnr2_symmetry 
_struct_conn.pdbx_ptnr3_label_atom_id 
_struct_conn.pdbx_ptnr3_label_seq_id 
_struct_conn.pdbx_ptnr3_label_comp_id 
_struct_conn.pdbx_ptnr3_label_asym_id 
_struct_conn.pdbx_ptnr3_label_alt_id 
_struct_conn.pdbx_ptnr3_PDB_ins_code 
_struct_conn.details 
_struct_conn.pdbx_dist_value 
_struct_conn.pdbx_value_order 
_struct_conn.pdbx_role 
metalc1  metalc ? ? A A  10 "O2'" ? ? ? 1_555 E MG  .  MG ? ? A A  10  A MG  104 1_555 ? ? ? ? ? ? ?                    2.271 ? ? 
metalc2  metalc ? ? A G  12 O6    ? ? ? 1_555 E MG  .  MG ? ? A G  12  A MG  104 1_555 ? ? ? ? ? ? ?                    2.740 ? ? 
metalc3  metalc ? ? A G  28 OP1   ? ? ? 1_555 F MG  .  MG ? ? A G  28  A MG  105 1_555 ? ? ? ? ? ? ?                    2.694 ? ? 
metalc4  metalc ? ? B MG .  MG    ? ? ? 1_555 G HOH .  O  ? ? A MG 101 A HOH 227 1_555 ? ? ? ? ? ? ?                    2.651 ? ? 
metalc5  metalc ? ? B MG .  MG    ? ? ? 1_555 G HOH .  O  ? ? A MG 101 A HOH 228 1_555 ? ? ? ? ? ? ?                    2.173 ? ? 
metalc6  metalc ? ? B MG .  MG    ? ? ? 1_555 G HOH .  O  ? ? A MG 101 A HOH 230 1_555 ? ? ? ? ? ? ?                    2.311 ? ? 
metalc7  metalc ? ? B MG .  MG    ? ? ? 1_555 G HOH .  O  ? ? A MG 101 A HOH 231 1_555 ? ? ? ? ? ? ?                    2.170 ? ? 
metalc8  metalc ? ? C MG .  MG    ? ? ? 1_555 G HOH .  O  ? ? A MG 102 A HOH 214 1_555 ? ? ? ? ? ? ?                    2.273 ? ? 
metalc9  metalc ? ? C MG .  MG    ? ? ? 1_555 G HOH .  O  ? ? A MG 102 A HOH 217 1_555 ? ? ? ? ? ? ?                    1.936 ? ? 
metalc10 metalc ? ? C MG .  MG    ? ? ? 1_555 G HOH .  O  ? ? A MG 102 A HOH 226 1_555 ? ? ? ? ? ? ?                    2.525 ? ? 
metalc11 metalc ? ? C MG .  MG    ? ? ? 1_555 G HOH .  O  ? ? A MG 102 A HOH 239 1_555 ? ? ? ? ? ? ?                    2.418 ? ? 
hydrog1  hydrog ? ? A C  1  N3    ? ? ? 1_555 A G   35 N1 ? ? A C  1   A G   35  1_555 ? ? ? ? ? ? WATSON-CRICK         ?     ? ? 
hydrog2  hydrog ? ? A C  1  N4    ? ? ? 1_555 A G   35 O6 ? ? A C  1   A G   35  1_555 ? ? ? ? ? ? WATSON-CRICK         ?     ? ? 
hydrog3  hydrog ? ? A C  1  O2    ? ? ? 1_555 A G   35 N2 ? ? A C  1   A G   35  1_555 ? ? ? ? ? ? WATSON-CRICK         ?     ? ? 
hydrog4  hydrog ? ? A U  2  N3    ? ? ? 1_555 A U   34 O2 ? ? A U  2   A U   34  1_555 ? ? ? ? ? ? TYPE_16_PAIR         ?     ? ? 
hydrog5  hydrog ? ? A U  2  O4    ? ? ? 1_555 A U   34 N3 ? ? A U  2   A U   34  1_555 ? ? ? ? ? ? TYPE_16_PAIR         ?     ? ? 
hydrog6  hydrog ? ? A G  3  N1    ? ? ? 1_555 A C   33 N3 ? ? A G  3   A C   33  1_555 ? ? ? ? ? ? WATSON-CRICK         ?     ? ? 
hydrog7  hydrog ? ? A G  3  N2    ? ? ? 1_555 A C   33 O2 ? ? A G  3   A C   33  1_555 ? ? ? ? ? ? WATSON-CRICK         ?     ? ? 
hydrog8  hydrog ? ? A G  3  O6    ? ? ? 1_555 A C   33 N4 ? ? A G  3   A C   33  1_555 ? ? ? ? ? ? WATSON-CRICK         ?     ? ? 
hydrog9  hydrog ? ? A C  4  N3    ? ? ? 1_555 A G   32 N1 ? ? A C  4   A G   32  1_555 ? ? ? ? ? ? WATSON-CRICK         ?     ? ? 
hydrog10 hydrog ? ? A C  4  N4    ? ? ? 1_555 A G   32 O6 ? ? A C  4   A G   32  1_555 ? ? ? ? ? ? WATSON-CRICK         ?     ? ? 
hydrog11 hydrog ? ? A C  4  O2    ? ? ? 1_555 A G   32 N2 ? ? A C  4   A G   32  1_555 ? ? ? ? ? ? WATSON-CRICK         ?     ? ? 
hydrog12 hydrog ? ? A U  5  O4    ? ? ? 1_555 A U   31 N3 ? ? A U  5   A U   31  1_555 ? ? ? ? ? ? 'U-U MISPAIR'        ?     ? ? 
hydrog13 hydrog ? ? A G  6  N1    ? ? ? 1_555 A C   30 N3 ? ? A G  6   A C   30  1_555 ? ? ? ? ? ? WATSON-CRICK         ?     ? ? 
hydrog14 hydrog ? ? A G  6  N2    ? ? ? 1_555 A C   30 O2 ? ? A G  6   A C   30  1_555 ? ? ? ? ? ? WATSON-CRICK         ?     ? ? 
hydrog15 hydrog ? ? A G  6  O6    ? ? ? 1_555 A C   30 N4 ? ? A G  6   A C   30  1_555 ? ? ? ? ? ? WATSON-CRICK         ?     ? ? 
hydrog16 hydrog ? ? A G  7  N1    ? ? ? 1_555 A C   29 N3 ? ? A G  7   A C   29  1_555 ? ? ? ? ? ? WATSON-CRICK         ?     ? ? 
hydrog17 hydrog ? ? A G  7  N2    ? ? ? 1_555 A C   29 O2 ? ? A G  7   A C   29  1_555 ? ? ? ? ? ? WATSON-CRICK         ?     ? ? 
hydrog18 hydrog ? ? A G  7  O6    ? ? ? 1_555 A C   29 N4 ? ? A G  7   A C   29  1_555 ? ? ? ? ? ? WATSON-CRICK         ?     ? ? 
hydrog19 hydrog ? ? A C  8  N3    ? ? ? 1_555 A G   28 N1 ? ? A C  8   A G   28  1_555 ? ? ? ? ? ? WATSON-CRICK         ?     ? ? 
hydrog20 hydrog ? ? A C  8  N4    ? ? ? 1_555 A G   28 O6 ? ? A C  8   A G   28  1_555 ? ? ? ? ? ? WATSON-CRICK         ?     ? ? 
hydrog21 hydrog ? ? A C  8  O2    ? ? ? 1_555 A G   28 N2 ? ? A C  8   A G   28  1_555 ? ? ? ? ? ? WATSON-CRICK         ?     ? ? 
hydrog22 hydrog ? ? A U  9  N3    ? ? ? 1_555 A A   26 N7 ? ? A U  9   A A   26  1_555 ? ? ? ? ? ? 'REVERSED HOOGSTEEN' ?     ? ? 
hydrog23 hydrog ? ? A U  9  O2    ? ? ? 1_555 A A   26 N6 ? ? A U  9   A A   26  1_555 ? ? ? ? ? ? 'REVERSED HOOGSTEEN' ?     ? ? 
hydrog24 hydrog ? ? A A  10 N3    ? ? ? 1_555 A A   11 N6 ? ? A A  10  A A   11  1_555 ? ? ? ? ? ? 'A-A MISPAIR'        ?     ? ? 
hydrog25 hydrog ? ? A A  11 N1    ? ? ? 1_555 A U   27 N3 ? ? A A  11  A U   27  1_555 ? ? ? ? ? ? WATSON-CRICK         ?     ? ? 
hydrog26 hydrog ? ? A A  11 N6    ? ? ? 1_555 A U   27 O4 ? ? A A  11  A U   27  1_555 ? ? ? ? ? ? WATSON-CRICK         ?     ? ? 
hydrog27 hydrog ? ? A G  12 N1    ? ? ? 1_555 A U   25 O2 ? ? A G  12  A U   25  1_555 ? ? ? ? ? ? TYPE_28_PAIR         ?     ? ? 
hydrog28 hydrog ? ? A G  12 O6    ? ? ? 1_555 A U   25 N3 ? ? A G  12  A U   25  1_555 ? ? ? ? ? ? TYPE_28_PAIR         ?     ? ? 
hydrog29 hydrog ? ? A G  12 N2    ? ? ? 1_555 A U   27 O4 ? ? A G  12  A U   27  1_555 ? ? ? ? ? ? 'G-U MISPAIR'        ?     ? ? 
hydrog30 hydrog ? ? A G  13 N1    ? ? ? 1_555 A C   24 N3 ? ? A G  13  A C   24  1_555 ? ? ? ? ? ? WATSON-CRICK         ?     ? ? 
hydrog31 hydrog ? ? A G  13 N2    ? ? ? 1_555 A C   24 O2 ? ? A G  13  A C   24  1_555 ? ? ? ? ? ? WATSON-CRICK         ?     ? ? 
hydrog32 hydrog ? ? A G  13 O6    ? ? ? 1_555 A C   24 N4 ? ? A G  13  A C   24  1_555 ? ? ? ? ? ? WATSON-CRICK         ?     ? ? 
hydrog33 hydrog ? ? A C  14 N3    ? ? ? 1_555 A G   23 N1 ? ? A C  14  A G   23  1_555 ? ? ? ? ? ? WATSON-CRICK         ?     ? ? 
hydrog34 hydrog ? ? A C  14 N4    ? ? ? 1_555 A G   23 O6 ? ? A C  14  A G   23  1_555 ? ? ? ? ? ? WATSON-CRICK         ?     ? ? 
hydrog35 hydrog ? ? A C  14 O2    ? ? ? 1_555 A G   23 N2 ? ? A C  14  A G   23  1_555 ? ? ? ? ? ? WATSON-CRICK         ?     ? ? 
hydrog36 hydrog ? ? A A  15 N1    ? ? ? 1_555 A U   22 N3 ? ? A A  15  A U   22  1_555 ? ? ? ? ? ? WATSON-CRICK         ?     ? ? 
hydrog37 hydrog ? ? A A  15 N6    ? ? ? 1_555 A U   22 O4 ? ? A A  15  A U   22  1_555 ? ? ? ? ? ? WATSON-CRICK         ?     ? ? 
hydrog38 hydrog ? ? A U  16 N3    ? ? ? 1_555 A G   21 O6 ? ? A U  16  A G   21  1_555 ? ? ? ? ? ? TYPE_28_PAIR         ?     ? ? 
hydrog39 hydrog ? ? A U  16 O2    ? ? ? 1_555 A G   21 N1 ? ? A U  16  A G   21  1_555 ? ? ? ? ? ? TYPE_28_PAIR         ?     ? ? 
hydrog40 hydrog ? ? A G  17 N2    ? ? ? 1_555 A A   20 N7 ? ? A G  17  A A   20  1_555 ? ? ? ? ? ? 'G-A MISPAIR'        ?     ? ? 
# 
loop_
_struct_conn_type.id 
_struct_conn_type.criteria 
_struct_conn_type.reference 
metalc ? ? 
hydrog ? ? 
# 
loop_
_pdbx_struct_conn_angle.id 
_pdbx_struct_conn_angle.ptnr1_label_atom_id 
_pdbx_struct_conn_angle.ptnr1_label_alt_id 
_pdbx_struct_conn_angle.ptnr1_label_asym_id 
_pdbx_struct_conn_angle.ptnr1_label_comp_id 
_pdbx_struct_conn_angle.ptnr1_label_seq_id 
_pdbx_struct_conn_angle.ptnr1_auth_atom_id 
_pdbx_struct_conn_angle.ptnr1_auth_asym_id 
_pdbx_struct_conn_angle.ptnr1_auth_comp_id 
_pdbx_struct_conn_angle.ptnr1_auth_seq_id 
_pdbx_struct_conn_angle.ptnr1_PDB_ins_code 
_pdbx_struct_conn_angle.ptnr1_symmetry 
_pdbx_struct_conn_angle.ptnr2_label_atom_id 
_pdbx_struct_conn_angle.ptnr2_label_alt_id 
_pdbx_struct_conn_angle.ptnr2_label_asym_id 
_pdbx_struct_conn_angle.ptnr2_label_comp_id 
_pdbx_struct_conn_angle.ptnr2_label_seq_id 
_pdbx_struct_conn_angle.ptnr2_auth_atom_id 
_pdbx_struct_conn_angle.ptnr2_auth_asym_id 
_pdbx_struct_conn_angle.ptnr2_auth_comp_id 
_pdbx_struct_conn_angle.ptnr2_auth_seq_id 
_pdbx_struct_conn_angle.ptnr2_PDB_ins_code 
_pdbx_struct_conn_angle.ptnr2_symmetry 
_pdbx_struct_conn_angle.ptnr3_label_atom_id 
_pdbx_struct_conn_angle.ptnr3_label_alt_id 
_pdbx_struct_conn_angle.ptnr3_label_asym_id 
_pdbx_struct_conn_angle.ptnr3_label_comp_id 
_pdbx_struct_conn_angle.ptnr3_label_seq_id 
_pdbx_struct_conn_angle.ptnr3_auth_atom_id 
_pdbx_struct_conn_angle.ptnr3_auth_asym_id 
_pdbx_struct_conn_angle.ptnr3_auth_comp_id 
_pdbx_struct_conn_angle.ptnr3_auth_seq_id 
_pdbx_struct_conn_angle.ptnr3_PDB_ins_code 
_pdbx_struct_conn_angle.ptnr3_symmetry 
_pdbx_struct_conn_angle.value 
_pdbx_struct_conn_angle.value_esd 
1  "O2'" ? A A   10 ? A A   10  ? 1_555 MG ? E MG . ? A MG 104 ? 1_555 O6 ? A G   12 ? A G   12  ? 1_555 65.2  ? 
2  O     ? G HOH .  ? A HOH 227 ? 1_555 MG ? B MG . ? A MG 101 ? 1_555 O  ? G HOH .  ? A HOH 228 ? 1_555 78.1  ? 
3  O     ? G HOH .  ? A HOH 227 ? 1_555 MG ? B MG . ? A MG 101 ? 1_555 O  ? G HOH .  ? A HOH 230 ? 1_555 74.6  ? 
4  O     ? G HOH .  ? A HOH 228 ? 1_555 MG ? B MG . ? A MG 101 ? 1_555 O  ? G HOH .  ? A HOH 230 ? 1_555 89.7  ? 
5  O     ? G HOH .  ? A HOH 227 ? 1_555 MG ? B MG . ? A MG 101 ? 1_555 O  ? G HOH .  ? A HOH 231 ? 1_555 86.2  ? 
6  O     ? G HOH .  ? A HOH 228 ? 1_555 MG ? B MG . ? A MG 101 ? 1_555 O  ? G HOH .  ? A HOH 231 ? 1_555 72.9  ? 
7  O     ? G HOH .  ? A HOH 230 ? 1_555 MG ? B MG . ? A MG 101 ? 1_555 O  ? G HOH .  ? A HOH 231 ? 1_555 156.6 ? 
8  O     ? G HOH .  ? A HOH 214 ? 1_555 MG ? C MG . ? A MG 102 ? 1_555 O  ? G HOH .  ? A HOH 217 ? 1_555 94.5  ? 
9  O     ? G HOH .  ? A HOH 214 ? 1_555 MG ? C MG . ? A MG 102 ? 1_555 O  ? G HOH .  ? A HOH 226 ? 1_555 90.7  ? 
10 O     ? G HOH .  ? A HOH 217 ? 1_555 MG ? C MG . ? A MG 102 ? 1_555 O  ? G HOH .  ? A HOH 226 ? 1_555 79.8  ? 
11 O     ? G HOH .  ? A HOH 214 ? 1_555 MG ? C MG . ? A MG 102 ? 1_555 O  ? G HOH .  ? A HOH 239 ? 1_555 83.4  ? 
12 O     ? G HOH .  ? A HOH 217 ? 1_555 MG ? C MG . ? A MG 102 ? 1_555 O  ? G HOH .  ? A HOH 239 ? 1_555 164.9 ? 
13 O     ? G HOH .  ? A HOH 226 ? 1_555 MG ? C MG . ? A MG 102 ? 1_555 O  ? G HOH .  ? A HOH 239 ? 1_555 85.2  ? 
# 
loop_
_struct_site.id 
_struct_site.pdbx_evidence_code 
_struct_site.pdbx_auth_asym_id 
_struct_site.pdbx_auth_comp_id 
_struct_site.pdbx_auth_seq_id 
_struct_site.pdbx_auth_ins_code 
_struct_site.pdbx_num_residues 
_struct_site.details 
AC1 Software A MG 101 ? 4 'BINDING SITE FOR RESIDUE MG A 101' 
AC2 Software A MG 102 ? 4 'BINDING SITE FOR RESIDUE MG A 102' 
AC3 Software A MG 103 ? 2 'BINDING SITE FOR RESIDUE MG A 103' 
AC4 Software A MG 104 ? 4 'BINDING SITE FOR RESIDUE MG A 104' 
AC5 Software A MG 105 ? 3 'BINDING SITE FOR RESIDUE MG A 105' 
# 
loop_
_struct_site_gen.id 
_struct_site_gen.site_id 
_struct_site_gen.pdbx_num_res 
_struct_site_gen.label_comp_id 
_struct_site_gen.label_asym_id 
_struct_site_gen.label_seq_id 
_struct_site_gen.pdbx_auth_ins_code 
_struct_site_gen.auth_comp_id 
_struct_site_gen.auth_asym_id 
_struct_site_gen.auth_seq_id 
_struct_site_gen.label_atom_id 
_struct_site_gen.label_alt_id 
_struct_site_gen.symmetry 
_struct_site_gen.details 
1  AC1 4 HOH G .  ? HOH A 227 . ? 1_555 ? 
2  AC1 4 HOH G .  ? HOH A 228 . ? 1_555 ? 
3  AC1 4 HOH G .  ? HOH A 230 . ? 1_555 ? 
4  AC1 4 HOH G .  ? HOH A 231 . ? 1_555 ? 
5  AC2 4 HOH G .  ? HOH A 214 . ? 1_555 ? 
6  AC2 4 HOH G .  ? HOH A 217 . ? 1_555 ? 
7  AC2 4 HOH G .  ? HOH A 226 . ? 1_555 ? 
8  AC2 4 HOH G .  ? HOH A 239 . ? 1_555 ? 
9  AC3 2 G   A 32 ? G   A 32  . ? 1_555 ? 
10 AC3 2 HOH G .  ? HOH A 207 . ? 1_555 ? 
11 AC4 4 A   A 10 ? A   A 10  . ? 1_555 ? 
12 AC4 4 A   A 11 ? A   A 11  . ? 1_555 ? 
13 AC4 4 G   A 12 ? G   A 12  . ? 1_555 ? 
14 AC4 4 G   A 13 ? G   A 13  . ? 1_555 ? 
15 AC5 3 C   A 14 ? C   A 14  . ? 6_445 ? 
16 AC5 3 G   A 28 ? G   A 28  . ? 1_555 ? 
17 AC5 3 C   A 29 ? C   A 29  . ? 1_555 ? 
# 
loop_
_pdbx_validate_rmsd_angle.id 
_pdbx_validate_rmsd_angle.PDB_model_num 
_pdbx_validate_rmsd_angle.auth_atom_id_1 
_pdbx_validate_rmsd_angle.auth_asym_id_1 
_pdbx_validate_rmsd_angle.auth_comp_id_1 
_pdbx_validate_rmsd_angle.auth_seq_id_1 
_pdbx_validate_rmsd_angle.PDB_ins_code_1 
_pdbx_validate_rmsd_angle.label_alt_id_1 
_pdbx_validate_rmsd_angle.auth_atom_id_2 
_pdbx_validate_rmsd_angle.auth_asym_id_2 
_pdbx_validate_rmsd_angle.auth_comp_id_2 
_pdbx_validate_rmsd_angle.auth_seq_id_2 
_pdbx_validate_rmsd_angle.PDB_ins_code_2 
_pdbx_validate_rmsd_angle.label_alt_id_2 
_pdbx_validate_rmsd_angle.auth_atom_id_3 
_pdbx_validate_rmsd_angle.auth_asym_id_3 
_pdbx_validate_rmsd_angle.auth_comp_id_3 
_pdbx_validate_rmsd_angle.auth_seq_id_3 
_pdbx_validate_rmsd_angle.PDB_ins_code_3 
_pdbx_validate_rmsd_angle.label_alt_id_3 
_pdbx_validate_rmsd_angle.angle_value 
_pdbx_validate_rmsd_angle.angle_target_value 
_pdbx_validate_rmsd_angle.angle_deviation 
_pdbx_validate_rmsd_angle.angle_standard_deviation 
_pdbx_validate_rmsd_angle.linker_flag 
1 1 "O5'" A A 10 ? ? P     A A 10 ? ? OP2 A A 10 ? ? 99.25  105.70 -6.45 0.90 N 
2 1 "C3'" A U 27 ? ? "O3'" A U 27 ? ? P   A G 28 ? ? 128.04 119.70 8.34  1.20 Y 
# 
loop_
_chem_comp_atom.comp_id 
_chem_comp_atom.atom_id 
_chem_comp_atom.type_symbol 
_chem_comp_atom.pdbx_aromatic_flag 
_chem_comp_atom.pdbx_stereo_config 
_chem_comp_atom.pdbx_ordinal 
A   OP3    O  N N 1   
A   P      P  N N 2   
A   OP1    O  N N 3   
A   OP2    O  N N 4   
A   "O5'"  O  N N 5   
A   "C5'"  C  N N 6   
A   "C4'"  C  N R 7   
A   "O4'"  O  N N 8   
A   "C3'"  C  N S 9   
A   "O3'"  O  N N 10  
A   "C2'"  C  N R 11  
A   "O2'"  O  N N 12  
A   "C1'"  C  N R 13  
A   N9     N  Y N 14  
A   C8     C  Y N 15  
A   N7     N  Y N 16  
A   C5     C  Y N 17  
A   C6     C  Y N 18  
A   N6     N  N N 19  
A   N1     N  Y N 20  
A   C2     C  Y N 21  
A   N3     N  Y N 22  
A   C4     C  Y N 23  
A   HOP3   H  N N 24  
A   HOP2   H  N N 25  
A   "H5'"  H  N N 26  
A   "H5''" H  N N 27  
A   "H4'"  H  N N 28  
A   "H3'"  H  N N 29  
A   "HO3'" H  N N 30  
A   "H2'"  H  N N 31  
A   "HO2'" H  N N 32  
A   "H1'"  H  N N 33  
A   H8     H  N N 34  
A   H61    H  N N 35  
A   H62    H  N N 36  
A   H2     H  N N 37  
C   OP3    O  N N 38  
C   P      P  N N 39  
C   OP1    O  N N 40  
C   OP2    O  N N 41  
C   "O5'"  O  N N 42  
C   "C5'"  C  N N 43  
C   "C4'"  C  N R 44  
C   "O4'"  O  N N 45  
C   "C3'"  C  N S 46  
C   "O3'"  O  N N 47  
C   "C2'"  C  N R 48  
C   "O2'"  O  N N 49  
C   "C1'"  C  N R 50  
C   N1     N  N N 51  
C   C2     C  N N 52  
C   O2     O  N N 53  
C   N3     N  N N 54  
C   C4     C  N N 55  
C   N4     N  N N 56  
C   C5     C  N N 57  
C   C6     C  N N 58  
C   HOP3   H  N N 59  
C   HOP2   H  N N 60  
C   "H5'"  H  N N 61  
C   "H5''" H  N N 62  
C   "H4'"  H  N N 63  
C   "H3'"  H  N N 64  
C   "HO3'" H  N N 65  
C   "H2'"  H  N N 66  
C   "HO2'" H  N N 67  
C   "H1'"  H  N N 68  
C   H41    H  N N 69  
C   H42    H  N N 70  
C   H5     H  N N 71  
C   H6     H  N N 72  
G   OP3    O  N N 73  
G   P      P  N N 74  
G   OP1    O  N N 75  
G   OP2    O  N N 76  
G   "O5'"  O  N N 77  
G   "C5'"  C  N N 78  
G   "C4'"  C  N R 79  
G   "O4'"  O  N N 80  
G   "C3'"  C  N S 81  
G   "O3'"  O  N N 82  
G   "C2'"  C  N R 83  
G   "O2'"  O  N N 84  
G   "C1'"  C  N R 85  
G   N9     N  Y N 86  
G   C8     C  Y N 87  
G   N7     N  Y N 88  
G   C5     C  Y N 89  
G   C6     C  N N 90  
G   O6     O  N N 91  
G   N1     N  N N 92  
G   C2     C  N N 93  
G   N2     N  N N 94  
G   N3     N  N N 95  
G   C4     C  Y N 96  
G   HOP3   H  N N 97  
G   HOP2   H  N N 98  
G   "H5'"  H  N N 99  
G   "H5''" H  N N 100 
G   "H4'"  H  N N 101 
G   "H3'"  H  N N 102 
G   "HO3'" H  N N 103 
G   "H2'"  H  N N 104 
G   "HO2'" H  N N 105 
G   "H1'"  H  N N 106 
G   H8     H  N N 107 
G   H1     H  N N 108 
G   H21    H  N N 109 
G   H22    H  N N 110 
HOH O      O  N N 111 
HOH H1     H  N N 112 
HOH H2     H  N N 113 
MG  MG     MG N N 114 
U   OP3    O  N N 115 
U   P      P  N N 116 
U   OP1    O  N N 117 
U   OP2    O  N N 118 
U   "O5'"  O  N N 119 
U   "C5'"  C  N N 120 
U   "C4'"  C  N R 121 
U   "O4'"  O  N N 122 
U   "C3'"  C  N S 123 
U   "O3'"  O  N N 124 
U   "C2'"  C  N R 125 
U   "O2'"  O  N N 126 
U   "C1'"  C  N R 127 
U   N1     N  N N 128 
U   C2     C  N N 129 
U   O2     O  N N 130 
U   N3     N  N N 131 
U   C4     C  N N 132 
U   O4     O  N N 133 
U   C5     C  N N 134 
U   C6     C  N N 135 
U   HOP3   H  N N 136 
U   HOP2   H  N N 137 
U   "H5'"  H  N N 138 
U   "H5''" H  N N 139 
U   "H4'"  H  N N 140 
U   "H3'"  H  N N 141 
U   "HO3'" H  N N 142 
U   "H2'"  H  N N 143 
U   "HO2'" H  N N 144 
U   "H1'"  H  N N 145 
U   H3     H  N N 146 
U   H5     H  N N 147 
U   H6     H  N N 148 
# 
loop_
_chem_comp_bond.comp_id 
_chem_comp_bond.atom_id_1 
_chem_comp_bond.atom_id_2 
_chem_comp_bond.value_order 
_chem_comp_bond.pdbx_aromatic_flag 
_chem_comp_bond.pdbx_stereo_config 
_chem_comp_bond.pdbx_ordinal 
A   OP3   P      sing N N 1   
A   OP3   HOP3   sing N N 2   
A   P     OP1    doub N N 3   
A   P     OP2    sing N N 4   
A   P     "O5'"  sing N N 5   
A   OP2   HOP2   sing N N 6   
A   "O5'" "C5'"  sing N N 7   
A   "C5'" "C4'"  sing N N 8   
A   "C5'" "H5'"  sing N N 9   
A   "C5'" "H5''" sing N N 10  
A   "C4'" "O4'"  sing N N 11  
A   "C4'" "C3'"  sing N N 12  
A   "C4'" "H4'"  sing N N 13  
A   "O4'" "C1'"  sing N N 14  
A   "C3'" "O3'"  sing N N 15  
A   "C3'" "C2'"  sing N N 16  
A   "C3'" "H3'"  sing N N 17  
A   "O3'" "HO3'" sing N N 18  
A   "C2'" "O2'"  sing N N 19  
A   "C2'" "C1'"  sing N N 20  
A   "C2'" "H2'"  sing N N 21  
A   "O2'" "HO2'" sing N N 22  
A   "C1'" N9     sing N N 23  
A   "C1'" "H1'"  sing N N 24  
A   N9    C8     sing Y N 25  
A   N9    C4     sing Y N 26  
A   C8    N7     doub Y N 27  
A   C8    H8     sing N N 28  
A   N7    C5     sing Y N 29  
A   C5    C6     sing Y N 30  
A   C5    C4     doub Y N 31  
A   C6    N6     sing N N 32  
A   C6    N1     doub Y N 33  
A   N6    H61    sing N N 34  
A   N6    H62    sing N N 35  
A   N1    C2     sing Y N 36  
A   C2    N3     doub Y N 37  
A   C2    H2     sing N N 38  
A   N3    C4     sing Y N 39  
C   OP3   P      sing N N 40  
C   OP3   HOP3   sing N N 41  
C   P     OP1    doub N N 42  
C   P     OP2    sing N N 43  
C   P     "O5'"  sing N N 44  
C   OP2   HOP2   sing N N 45  
C   "O5'" "C5'"  sing N N 46  
C   "C5'" "C4'"  sing N N 47  
C   "C5'" "H5'"  sing N N 48  
C   "C5'" "H5''" sing N N 49  
C   "C4'" "O4'"  sing N N 50  
C   "C4'" "C3'"  sing N N 51  
C   "C4'" "H4'"  sing N N 52  
C   "O4'" "C1'"  sing N N 53  
C   "C3'" "O3'"  sing N N 54  
C   "C3'" "C2'"  sing N N 55  
C   "C3'" "H3'"  sing N N 56  
C   "O3'" "HO3'" sing N N 57  
C   "C2'" "O2'"  sing N N 58  
C   "C2'" "C1'"  sing N N 59  
C   "C2'" "H2'"  sing N N 60  
C   "O2'" "HO2'" sing N N 61  
C   "C1'" N1     sing N N 62  
C   "C1'" "H1'"  sing N N 63  
C   N1    C2     sing N N 64  
C   N1    C6     sing N N 65  
C   C2    O2     doub N N 66  
C   C2    N3     sing N N 67  
C   N3    C4     doub N N 68  
C   C4    N4     sing N N 69  
C   C4    C5     sing N N 70  
C   N4    H41    sing N N 71  
C   N4    H42    sing N N 72  
C   C5    C6     doub N N 73  
C   C5    H5     sing N N 74  
C   C6    H6     sing N N 75  
G   OP3   P      sing N N 76  
G   OP3   HOP3   sing N N 77  
G   P     OP1    doub N N 78  
G   P     OP2    sing N N 79  
G   P     "O5'"  sing N N 80  
G   OP2   HOP2   sing N N 81  
G   "O5'" "C5'"  sing N N 82  
G   "C5'" "C4'"  sing N N 83  
G   "C5'" "H5'"  sing N N 84  
G   "C5'" "H5''" sing N N 85  
G   "C4'" "O4'"  sing N N 86  
G   "C4'" "C3'"  sing N N 87  
G   "C4'" "H4'"  sing N N 88  
G   "O4'" "C1'"  sing N N 89  
G   "C3'" "O3'"  sing N N 90  
G   "C3'" "C2'"  sing N N 91  
G   "C3'" "H3'"  sing N N 92  
G   "O3'" "HO3'" sing N N 93  
G   "C2'" "O2'"  sing N N 94  
G   "C2'" "C1'"  sing N N 95  
G   "C2'" "H2'"  sing N N 96  
G   "O2'" "HO2'" sing N N 97  
G   "C1'" N9     sing N N 98  
G   "C1'" "H1'"  sing N N 99  
G   N9    C8     sing Y N 100 
G   N9    C4     sing Y N 101 
G   C8    N7     doub Y N 102 
G   C8    H8     sing N N 103 
G   N7    C5     sing Y N 104 
G   C5    C6     sing N N 105 
G   C5    C4     doub Y N 106 
G   C6    O6     doub N N 107 
G   C6    N1     sing N N 108 
G   N1    C2     sing N N 109 
G   N1    H1     sing N N 110 
G   C2    N2     sing N N 111 
G   C2    N3     doub N N 112 
G   N2    H21    sing N N 113 
G   N2    H22    sing N N 114 
G   N3    C4     sing N N 115 
HOH O     H1     sing N N 116 
HOH O     H2     sing N N 117 
U   OP3   P      sing N N 118 
U   OP3   HOP3   sing N N 119 
U   P     OP1    doub N N 120 
U   P     OP2    sing N N 121 
U   P     "O5'"  sing N N 122 
U   OP2   HOP2   sing N N 123 
U   "O5'" "C5'"  sing N N 124 
U   "C5'" "C4'"  sing N N 125 
U   "C5'" "H5'"  sing N N 126 
U   "C5'" "H5''" sing N N 127 
U   "C4'" "O4'"  sing N N 128 
U   "C4'" "C3'"  sing N N 129 
U   "C4'" "H4'"  sing N N 130 
U   "O4'" "C1'"  sing N N 131 
U   "C3'" "O3'"  sing N N 132 
U   "C3'" "C2'"  sing N N 133 
U   "C3'" "H3'"  sing N N 134 
U   "O3'" "HO3'" sing N N 135 
U   "C2'" "O2'"  sing N N 136 
U   "C2'" "C1'"  sing N N 137 
U   "C2'" "H2'"  sing N N 138 
U   "O2'" "HO2'" sing N N 139 
U   "C1'" N1     sing N N 140 
U   "C1'" "H1'"  sing N N 141 
U   N1    C2     sing N N 142 
U   N1    C6     sing N N 143 
U   C2    O2     doub N N 144 
U   C2    N3     sing N N 145 
U   N3    C4     sing N N 146 
U   N3    H3     sing N N 147 
U   C4    O4     doub N N 148 
U   C4    C5     sing N N 149 
U   C5    C6     doub N N 150 
U   C5    H5     sing N N 151 
U   C6    H6     sing N N 152 
# 
loop_
_ndb_struct_conf_na.entry_id 
_ndb_struct_conf_na.feature 
4FNJ 'double helix'         
4FNJ 'a-form double helix'  
4FNJ tetraloop              
4FNJ 'mismatched base pair' 
# 
loop_
_ndb_struct_na_base_pair.model_number 
_ndb_struct_na_base_pair.i_label_asym_id 
_ndb_struct_na_base_pair.i_label_comp_id 
_ndb_struct_na_base_pair.i_label_seq_id 
_ndb_struct_na_base_pair.i_symmetry 
_ndb_struct_na_base_pair.j_label_asym_id 
_ndb_struct_na_base_pair.j_label_comp_id 
_ndb_struct_na_base_pair.j_label_seq_id 
_ndb_struct_na_base_pair.j_symmetry 
_ndb_struct_na_base_pair.shear 
_ndb_struct_na_base_pair.stretch 
_ndb_struct_na_base_pair.stagger 
_ndb_struct_na_base_pair.buckle 
_ndb_struct_na_base_pair.propeller 
_ndb_struct_na_base_pair.opening 
_ndb_struct_na_base_pair.pair_number 
_ndb_struct_na_base_pair.pair_name 
_ndb_struct_na_base_pair.i_auth_asym_id 
_ndb_struct_na_base_pair.i_auth_seq_id 
_ndb_struct_na_base_pair.i_PDB_ins_code 
_ndb_struct_na_base_pair.j_auth_asym_id 
_ndb_struct_na_base_pair.j_auth_seq_id 
_ndb_struct_na_base_pair.j_PDB_ins_code 
_ndb_struct_na_base_pair.hbond_type_28 
_ndb_struct_na_base_pair.hbond_type_12 
1 A C 1  1_555 A G 35 1_555 0.308  -0.307 -0.024 -5.465  -14.560 4.157   1  A_C1:G35_A  A 1  ? A 35 ? 19 1 
1 A U 2  1_555 A U 34 1_555 -2.470 -1.890 0.256  -7.120  -16.398 11.599  2  A_U2:U34_A  A 2  ? A 34 ? 16 1 
1 A G 3  1_555 A C 33 1_555 -0.295 -0.364 -0.002 -2.159  -14.454 2.200   3  A_G3:C33_A  A 3  ? A 33 ? 19 1 
1 A C 4  1_555 A G 32 1_555 0.728  -0.159 0.239  -1.031  -6.688  8.413   4  A_C4:G32_A  A 4  ? A 32 ? 19 1 
1 A U 5  1_555 A U 31 1_555 -2.631 -1.330 -0.096 5.619   -7.124  -25.984 5  A_U5:U31_A  A 5  ? A 31 ? ?  ? 
1 A G 6  1_555 A C 30 1_555 -0.260 -0.283 0.071  5.872   -2.490  -1.440  6  A_G6:C30_A  A 6  ? A 30 ? 19 1 
1 A G 7  1_555 A C 29 1_555 -0.182 -0.151 -0.070 -3.821  -11.106 1.559   7  A_G7:C29_A  A 7  ? A 29 ? 19 1 
1 A C 8  1_555 A G 28 1_555 -0.061 -0.228 0.098  0.940   -6.938  -0.649  8  A_C8:G28_A  A 8  ? A 28 ? 19 1 
1 A A 26 1_555 A U 9  1_555 -4.464 -2.702 -0.368 18.180  -2.409  -86.460 9  A_A26:U9_A  A 26 ? A 9  ? 24 4 
1 A A 11 1_555 A U 27 1_555 -0.142 -0.066 -0.526 -25.749 24.433  -3.216  10 A_A11:U27_A A 11 ? A 27 ? 20 1 
1 A G 12 1_555 A U 25 1_555 -2.475 -0.824 -0.049 -2.352  -16.202 -3.350  11 A_G12:U25_A A 12 ? A 25 ? 28 1 
1 A G 13 1_555 A C 24 1_555 -0.367 -0.133 -0.027 -4.934  -16.366 2.750   12 A_G13:C24_A A 13 ? A 24 ? 19 1 
1 A C 14 1_555 A G 23 1_555 0.253  -0.162 0.083  -3.124  -12.394 0.025   13 A_C14:G23_A A 14 ? A 23 ? 19 1 
1 A A 15 1_555 A U 22 1_555 -0.003 -0.103 -0.060 -1.110  -12.071 6.357   14 A_A15:U22_A A 15 ? A 22 ? 20 1 
1 A U 16 1_555 A G 21 1_555 2.310  -0.371 -0.286 3.120   -1.006  8.473   15 A_U16:G21_A A 16 ? A 21 ? 28 1 
1 A G 17 1_555 A A 20 1_555 7.013  -5.209 0.534  16.202  1.005   -11.140 16 A_G17:A20_A A 17 ? A 20 ? ?  ? 
# 
loop_
_ndb_struct_na_base_pair_step.model_number 
_ndb_struct_na_base_pair_step.i_label_asym_id_1 
_ndb_struct_na_base_pair_step.i_label_comp_id_1 
_ndb_struct_na_base_pair_step.i_label_seq_id_1 
_ndb_struct_na_base_pair_step.i_symmetry_1 
_ndb_struct_na_base_pair_step.j_label_asym_id_1 
_ndb_struct_na_base_pair_step.j_label_comp_id_1 
_ndb_struct_na_base_pair_step.j_label_seq_id_1 
_ndb_struct_na_base_pair_step.j_symmetry_1 
_ndb_struct_na_base_pair_step.i_label_asym_id_2 
_ndb_struct_na_base_pair_step.i_label_comp_id_2 
_ndb_struct_na_base_pair_step.i_label_seq_id_2 
_ndb_struct_na_base_pair_step.i_symmetry_2 
_ndb_struct_na_base_pair_step.j_label_asym_id_2 
_ndb_struct_na_base_pair_step.j_label_comp_id_2 
_ndb_struct_na_base_pair_step.j_label_seq_id_2 
_ndb_struct_na_base_pair_step.j_symmetry_2 
_ndb_struct_na_base_pair_step.shift 
_ndb_struct_na_base_pair_step.slide 
_ndb_struct_na_base_pair_step.rise 
_ndb_struct_na_base_pair_step.tilt 
_ndb_struct_na_base_pair_step.roll 
_ndb_struct_na_base_pair_step.twist 
_ndb_struct_na_base_pair_step.x_displacement 
_ndb_struct_na_base_pair_step.y_displacement 
_ndb_struct_na_base_pair_step.helical_rise 
_ndb_struct_na_base_pair_step.inclination 
_ndb_struct_na_base_pair_step.tip 
_ndb_struct_na_base_pair_step.helical_twist 
_ndb_struct_na_base_pair_step.step_number 
_ndb_struct_na_base_pair_step.step_name 
_ndb_struct_na_base_pair_step.i_auth_asym_id_1 
_ndb_struct_na_base_pair_step.i_auth_seq_id_1 
_ndb_struct_na_base_pair_step.i_PDB_ins_code_1 
_ndb_struct_na_base_pair_step.j_auth_asym_id_1 
_ndb_struct_na_base_pair_step.j_auth_seq_id_1 
_ndb_struct_na_base_pair_step.j_PDB_ins_code_1 
_ndb_struct_na_base_pair_step.i_auth_asym_id_2 
_ndb_struct_na_base_pair_step.i_auth_seq_id_2 
_ndb_struct_na_base_pair_step.i_PDB_ins_code_2 
_ndb_struct_na_base_pair_step.j_auth_asym_id_2 
_ndb_struct_na_base_pair_step.j_auth_seq_id_2 
_ndb_struct_na_base_pair_step.j_PDB_ins_code_2 
1 A C 1  1_555 A G 35 1_555 A U 2  1_555 A U 34 1_555 0.232  -0.843 2.987  -11.329  19.434   26.563 -3.891  -1.833 1.764 35.318  
20.588 34.677  1  AA_C1U2:U34G35_AA   A 1  ? A 35 ? A 2  ? A 34 ? 
1 A U 2  1_555 A U 34 1_555 A G 3  1_555 A C 33 1_555 -0.806 -0.713 3.114  -2.740   8.166    43.967 -1.636  0.823  2.985 10.785  
3.619  44.761  2  AA_U2G3:C33U34_AA   A 2  ? A 34 ? A 3  ? A 33 ? 
1 A G 3  1_555 A C 33 1_555 A C 4  1_555 A G 32 1_555 0.110  -1.041 3.236  -1.311   4.316    36.728 -2.205  -0.344 3.092 6.818   
2.072  36.995  3  AA_G3C4:G32C33_AA   A 3  ? A 33 ? A 4  ? A 32 ? 
1 A C 4  1_555 A G 32 1_555 A U 5  1_555 A U 31 1_555 -1.558 -2.515 2.899  -0.454   8.729    13.288 -13.394 5.410  1.095 33.402  
1.735  15.894  4  AA_C4U5:U31G32_AA   A 4  ? A 32 ? A 5  ? A 31 ? 
1 A U 5  1_555 A U 31 1_555 A G 6  1_555 A C 30 1_555 1.538  -1.570 3.266  -1.542   5.203    46.847 -2.375  -2.045 3.036 6.519   
1.932  47.143  5  AA_U5G6:C30U31_AA   A 5  ? A 31 ? A 6  ? A 30 ? 
1 A G 6  1_555 A C 30 1_555 A G 7  1_555 A C 29 1_555 0.709  -1.929 3.429  1.346    6.053    33.679 -4.233  -0.993 3.071 10.338  
-2.298 34.229  6  AA_G6G7:C29C30_AA   A 6  ? A 30 ? A 7  ? A 29 ? 
1 A G 7  1_555 A C 29 1_555 A C 8  1_555 A G 28 1_555 -0.744 -2.621 3.056  -3.115   1.943    26.878 -6.039  0.863  2.928 4.156   
6.662  27.123  7  AA_G7C8:G28C29_AA   A 7  ? A 29 ? A 8  ? A 28 ? 
1 A C 8  1_555 A G 28 1_555 A A 26 1_555 A U 9  1_555 0.062  -4.768 -0.567 -129.990 -107.785 64.032 -2.097  -0.387 2.235 -55.558 
67.004 170.562 8  AA_C8A26:U9G28_AA   A 8  ? A 28 ? A 26 ? A 9  ? 
1 A A 26 1_555 A U 9  1_555 A A 11 1_555 A U 27 1_555 -2.569 3.583  2.679  -147.372 -20.328  64.175 2.063   -0.298 3.184 -11.144 
80.789 153.633 9  AA_A26A11:U27U9_AA  A 26 ? A 9  ? A 11 ? A 27 ? 
1 A A 11 1_555 A U 27 1_555 A G 12 1_555 A U 25 1_555 4.572  -0.264 2.658  -10.370  27.062   62.842 -0.953  -4.333 1.746 24.623  
9.436  68.576  10 AA_A11G12:U25U27_AA A 11 ? A 27 ? A 12 ? A 25 ? 
1 A G 12 1_555 A U 25 1_555 A G 13 1_555 A C 24 1_555 -0.072 -1.663 3.376  -1.726   5.617    37.962 -3.227  -0.105 3.108 8.572   
2.634  38.398  11 AA_G12G13:C24U25_AA A 12 ? A 25 ? A 13 ? A 24 ? 
1 A G 13 1_555 A C 24 1_555 A C 14 1_555 A G 23 1_555 -0.298 -1.528 3.298  -1.295   1.885    33.710 -2.933  0.304  3.219 3.246   
2.229  33.785  12 AA_G13C14:G23C24_AA A 13 ? A 24 ? A 14 ? A 23 ? 
1 A C 14 1_555 A G 23 1_555 A A 15 1_555 A U 22 1_555 0.681  -1.653 3.125  2.656    10.891   29.024 -4.918  -0.825 2.414 20.778  
-5.067 31.070  13 AA_C14A15:U22G23_AA A 14 ? A 23 ? A 15 ? A 22 ? 
1 A A 15 1_555 A U 22 1_555 A U 16 1_555 A G 21 1_555 0.324  -1.174 3.208  2.966    8.148    37.518 -2.742  -0.142 2.916 12.465  
-4.538 38.472  14 AA_A15U16:G21U22_AA A 15 ? A 22 ? A 16 ? A 21 ? 
1 A U 16 1_555 A G 21 1_555 A G 17 1_555 A A 20 1_555 -1.693 -0.894 2.987  0.080    11.300   45.252 -1.968  2.147  2.699 14.421  
-0.102 46.570  15 AA_U16G17:A20G21_AA A 16 ? A 21 ? A 17 ? A 20 ? 
# 
_atom_sites.entry_id                    4FNJ 
_atom_sites.fract_transf_matrix[1][1]   -0.01626715 
_atom_sites.fract_transf_matrix[1][2]   -0.00092818 
_atom_sites.fract_transf_matrix[1][3]   0.00200314 
_atom_sites.fract_transf_matrix[2][1]   -0.00938525 
_atom_sites.fract_transf_matrix[2][2]   -0.00634044 
_atom_sites.fract_transf_matrix[2][3]   -0.01188418 
_atom_sites.fract_transf_matrix[3][1]   0.00149008 
_atom_sites.fract_transf_matrix[3][2]   -0.01331893 
_atom_sites.fract_transf_matrix[3][3]   0.00592915 
_atom_sites.fract_transf_vector[1]      -0.429518 
_atom_sites.fract_transf_vector[2]      -0.235233 
_atom_sites.fract_transf_vector[3]      0.005045 
# 
loop_
_atom_type.symbol 
C  
MG 
N  
O  
P  
# 
loop_
_atom_site.group_PDB 
_atom_site.id 
_atom_site.type_symbol 
_atom_site.label_atom_id 
_atom_site.label_alt_id 
_atom_site.label_comp_id 
_atom_site.label_asym_id 
_atom_site.label_entity_id 
_atom_site.label_seq_id 
_atom_site.pdbx_PDB_ins_code 
_atom_site.Cartn_x 
_atom_site.Cartn_y 
_atom_site.Cartn_z 
_atom_site.occupancy 
_atom_site.B_iso_or_equiv 
_atom_site.pdbx_formal_charge 
_atom_site.auth_seq_id 
_atom_site.auth_comp_id 
_atom_site.auth_asym_id 
_atom_site.auth_atom_id 
_atom_site.pdbx_PDB_model_num 
ATOM   1   O  "O5'" . C   A 1 1  ? -7.296  -9.501  15.130  1.00 46.20  ? 1   C   A "O5'" 1 
ATOM   2   C  "C5'" . C   A 1 1  ? -8.368  -8.955  15.940  1.00 51.28  ? 1   C   A "C5'" 1 
ATOM   3   C  "C4'" . C   A 1 1  ? -7.921  -8.855  17.377  1.00 44.15  ? 1   C   A "C4'" 1 
ATOM   4   O  "O4'" . C   A 1 1  ? -7.840  -10.174 17.982  1.00 48.74  ? 1   C   A "O4'" 1 
ATOM   5   C  "C3'" . C   A 1 1  ? -6.535  -8.282  17.588  1.00 49.65  ? 1   C   A "C3'" 1 
ATOM   6   O  "O3'" . C   A 1 1  ? -6.655  -6.880  17.496  1.00 58.04  ? 1   C   A "O3'" 1 
ATOM   7   C  "C2'" . C   A 1 1  ? -6.207  -8.806  18.983  1.00 41.88  ? 1   C   A "C2'" 1 
ATOM   8   O  "O2'" . C   A 1 1  ? -6.940  -8.129  19.966  1.00 49.47  ? 1   C   A "O2'" 1 
ATOM   9   C  "C1'" . C   A 1 1  ? -6.752  -10.223 18.908  1.00 45.22  ? 1   C   A "C1'" 1 
ATOM   10  N  N1    . C   A 1 1  ? -5.760  -11.237 18.459  1.00 47.92  ? 1   C   A N1    1 
ATOM   11  C  C2    . C   A 1 1  ? -4.670  -11.516 19.290  1.00 52.21  ? 1   C   A C2    1 
ATOM   12  O  O2    . C   A 1 1  ? -4.565  -10.900 20.380  1.00 50.55  ? 1   C   A O2    1 
ATOM   13  N  N3    . C   A 1 1  ? -3.759  -12.440 18.894  1.00 53.78  ? 1   C   A N3    1 
ATOM   14  C  C4    . C   A 1 1  ? -3.921  -13.086 17.733  1.00 47.30  ? 1   C   A C4    1 
ATOM   15  N  N4    . C   A 1 1  ? -3.037  -14.034 17.416  1.00 46.68  ? 1   C   A N4    1 
ATOM   16  C  C5    . C   A 1 1  ? -5.021  -12.816 16.866  1.00 43.74  ? 1   C   A C5    1 
ATOM   17  C  C6    . C   A 1 1  ? -5.895  -11.874 17.254  1.00 40.72  ? 1   C   A C6    1 
ATOM   18  P  P     . U   A 1 2  ? -5.503  -5.918  16.910  1.00 60.35  ? 2   U   A P     1 
ATOM   19  O  OP1   . U   A 1 2  ? -6.134  -4.557  16.910  1.00 58.67  ? 2   U   A OP1   1 
ATOM   20  O  OP2   . U   A 1 2  ? -4.779  -6.484  15.729  1.00 55.99  ? 2   U   A OP2   1 
ATOM   21  O  "O5'" . U   A 1 2  ? -4.413  -6.041  18.065  1.00 57.44  ? 2   U   A "O5'" 1 
ATOM   22  C  "C5'" . U   A 1 2  ? -4.636  -5.384  19.331  1.00 53.81  ? 2   U   A "C5'" 1 
ATOM   23  C  "C4'" . U   A 1 2  ? -3.386  -5.554  20.153  1.00 51.37  ? 2   U   A "C4'" 1 
ATOM   24  O  "O4'" . U   A 1 2  ? -3.190  -6.966  20.411  1.00 50.20  ? 2   U   A "O4'" 1 
ATOM   25  C  "C3'" . U   A 1 2  ? -2.126  -5.168  19.398  1.00 49.81  ? 2   U   A "C3'" 1 
ATOM   26  O  "O3'" . U   A 1 2  ? -2.005  -3.756  19.412  1.00 61.10  ? 2   U   A "O3'" 1 
ATOM   27  C  "C2'" . U   A 1 2  ? -1.052  -5.954  20.133  1.00 59.41  ? 2   U   A "C2'" 1 
ATOM   28  O  "O2'" . U   A 1 2  ? -0.799  -5.354  21.395  1.00 56.93  ? 2   U   A "O2'" 1 
ATOM   29  C  "C1'" . U   A 1 2  ? -1.797  -7.253  20.406  1.00 48.30  ? 2   U   A "C1'" 1 
ATOM   30  N  N1    . U   A 1 2  ? -1.560  -8.376  19.499  1.00 48.34  ? 2   U   A N1    1 
ATOM   31  C  C2    . U   A 1 2  ? -0.359  -9.048  19.624  1.00 53.92  ? 2   U   A C2    1 
ATOM   32  O  O2    . U   A 1 2  ? 0.513   -8.703  20.398  1.00 55.89  ? 2   U   A O2    1 
ATOM   33  N  N3    . U   A 1 2  ? -0.234  -10.160 18.833  1.00 49.85  ? 2   U   A N3    1 
ATOM   34  C  C4    . U   A 1 2  ? -1.151  -10.647 17.927  1.00 50.88  ? 2   U   A C4    1 
ATOM   35  O  O4    . U   A 1 2  ? -0.898  -11.683 17.309  1.00 43.01  ? 2   U   A O4    1 
ATOM   36  C  C5    . U   A 1 2  ? -2.369  -9.896  17.851  1.00 52.99  ? 2   U   A C5    1 
ATOM   37  C  C6    . U   A 1 2  ? -2.528  -8.813  18.623  1.00 51.53  ? 2   U   A C6    1 
ATOM   38  P  P     . G   A 1 3  ? -1.336  -3.132  18.105  1.00 69.57  ? 3   G   A P     1 
ATOM   39  O  OP1   . G   A 1 3  ? -1.557  -1.681  18.378  1.00 69.48  ? 3   G   A OP1   1 
ATOM   40  O  OP2   . G   A 1 3  ? -1.775  -3.758  16.813  1.00 70.28  ? 3   G   A OP2   1 
ATOM   41  O  "O5'" . G   A 1 3  ? 0.186   -3.596  18.233  1.00 65.61  ? 3   G   A "O5'" 1 
ATOM   42  C  "C5'" . G   A 1 3  ? 1.120   -2.962  19.136  1.00 65.44  ? 3   G   A "C5'" 1 
ATOM   43  C  "C4'" . G   A 1 3  ? 2.401   -3.761  19.145  1.00 70.90  ? 3   G   A "C4'" 1 
ATOM   44  O  "O4'" . G   A 1 3  ? 2.068   -5.157  19.335  1.00 68.78  ? 3   G   A "O4'" 1 
ATOM   45  C  "C3'" . G   A 1 3  ? 3.162   -3.762  17.831  1.00 83.15  ? 3   G   A "C3'" 1 
ATOM   46  O  "O3'" . G   A 1 3  ? 4.002   -2.628  17.694  1.00 93.99  ? 3   G   A "O3'" 1 
ATOM   47  C  "C2'" . G   A 1 3  ? 3.964   -5.055  17.918  1.00 82.58  ? 3   G   A "C2'" 1 
ATOM   48  O  "O2'" . G   A 1 3  ? 5.121   -4.967  18.728  1.00 95.59  ? 3   G   A "O2'" 1 
ATOM   49  C  "C1'" . G   A 1 3  ? 2.971   -5.980  18.614  1.00 69.97  ? 3   G   A "C1'" 1 
ATOM   50  N  N9    . G   A 1 3  ? 2.213   -6.876  17.735  1.00 63.88  ? 3   G   A N9    1 
ATOM   51  C  C8    . G   A 1 3  ? 0.938   -6.695  17.246  1.00 56.72  ? 3   G   A C8    1 
ATOM   52  N  N7    . G   A 1 3  ? 0.519   -7.700  16.522  1.00 62.45  ? 3   G   A N7    1 
ATOM   53  C  C5    . G   A 1 3  ? 1.583   -8.596  16.526  1.00 55.70  ? 3   G   A C5    1 
ATOM   54  C  C6    . G   A 1 3  ? 1.728   -9.870  15.894  1.00 48.90  ? 3   G   A C6    1 
ATOM   55  O  O6    . G   A 1 3  ? 0.919   -10.477 15.182  1.00 64.79  ? 3   G   A O6    1 
ATOM   56  N  N1    . G   A 1 3  ? 2.973   -10.433 16.156  1.00 55.69  ? 3   G   A N1    1 
ATOM   57  C  C2    . G   A 1 3  ? 3.955   -9.857  16.925  1.00 57.38  ? 3   G   A C2    1 
ATOM   58  N  N2    . G   A 1 3  ? 5.097   -10.557 17.052  1.00 62.30  ? 3   G   A N2    1 
ATOM   59  N  N3    . G   A 1 3  ? 3.833   -8.679  17.522  1.00 52.49  ? 3   G   A N3    1 
ATOM   60  C  C4    . G   A 1 3  ? 2.628   -8.111  17.286  1.00 56.38  ? 3   G   A C4    1 
ATOM   61  P  P     . C   A 1 4  ? 4.306   -2.059  16.235  1.00 96.93  ? 4   C   A P     1 
ATOM   62  O  OP1   . C   A 1 4  ? 4.552   -0.606  16.425  1.00 101.77 ? 4   C   A OP1   1 
ATOM   63  O  OP2   . C   A 1 4  ? 3.244   -2.503  15.292  1.00 102.31 ? 4   C   A OP2   1 
ATOM   64  O  "O5'" . C   A 1 4  ? 5.639   -2.831  15.848  1.00 76.96  ? 4   C   A "O5'" 1 
ATOM   65  C  "C5'" . C   A 1 4  ? 5.538   -4.090  15.204  1.00 77.37  ? 4   C   A "C5'" 1 
ATOM   66  C  "C4'" . C   A 1 4  ? 6.874   -4.779  15.178  1.00 74.83  ? 4   C   A "C4'" 1 
ATOM   67  O  "O4'" . C   A 1 4  ? 6.757   -6.054  15.865  1.00 78.85  ? 4   C   A "O4'" 1 
ATOM   68  C  "C3'" . C   A 1 4  ? 7.350   -5.105  13.770  1.00 85.16  ? 4   C   A "C3'" 1 
ATOM   69  O  "O3'" . C   A 1 4  ? 8.372   -4.183  13.434  1.00 99.53  ? 4   C   A "O3'" 1 
ATOM   70  C  "C2'" . C   A 1 4  ? 7.729   -6.589  13.830  1.00 79.08  ? 4   C   A "C2'" 1 
ATOM   71  O  "O2'" . C   A 1 4  ? 9.069   -6.923  14.127  1.00 89.03  ? 4   C   A "O2'" 1 
ATOM   72  C  "C1'" . C   A 1 4  ? 6.793   -7.098  14.921  1.00 74.14  ? 4   C   A "C1'" 1 
ATOM   73  N  N1    . C   A 1 4  ? 5.421   -7.319  14.432  1.00 70.61  ? 4   C   A N1    1 
ATOM   74  C  C2    . C   A 1 4  ? 5.129   -8.510  13.763  1.00 63.29  ? 4   C   A C2    1 
ATOM   75  O  O2    . C   A 1 4  ? 6.029   -9.356  13.626  1.00 58.74  ? 4   C   A O2    1 
ATOM   76  N  N3    . C   A 1 4  ? 3.865   -8.727  13.319  1.00 60.77  ? 4   C   A N3    1 
ATOM   77  C  C4    . C   A 1 4  ? 2.930   -7.781  13.476  1.00 58.17  ? 4   C   A C4    1 
ATOM   78  N  N4    . C   A 1 4  ? 1.700   -8.035  13.020  1.00 57.10  ? 4   C   A N4    1 
ATOM   79  C  C5    . C   A 1 4  ? 3.206   -6.552  14.144  1.00 65.80  ? 4   C   A C5    1 
ATOM   80  C  C6    . C   A 1 4  ? 4.451   -6.367  14.605  1.00 69.97  ? 4   C   A C6    1 
ATOM   81  P  P     . U   A 1 5  ? 8.411   -3.661  11.927  1.00 95.92  ? 5   U   A P     1 
ATOM   82  O  OP1   . U   A 1 5  ? 9.361   -2.513  11.856  1.00 99.41  ? 5   U   A OP1   1 
ATOM   83  O  OP2   . U   A 1 5  ? 7.024   -3.508  11.395  1.00 77.48  ? 5   U   A OP2   1 
ATOM   84  O  "O5'" . U   A 1 5  ? 9.162   -4.936  11.345  1.00 74.59  ? 5   U   A "O5'" 1 
ATOM   85  C  "C5'" . U   A 1 5  ? 8.684   -5.567  10.180  1.00 68.34  ? 5   U   A "C5'" 1 
ATOM   86  C  "C4'" . U   A 1 5  ? 9.372   -6.882  10.072  1.00 72.43  ? 5   U   A "C4'" 1 
ATOM   87  O  "O4'" . U   A 1 5  ? 8.661   -7.864  10.869  1.00 80.00  ? 5   U   A "O4'" 1 
ATOM   88  C  "C3'" . U   A 1 5  ? 9.379   -7.457  8.673   1.00 77.89  ? 5   U   A "C3'" 1 
ATOM   89  O  "O3'" . U   A 1 5  ? 10.424  -6.843  7.935   1.00 85.81  ? 5   U   A "O3'" 1 
ATOM   90  C  "C2'" . U   A 1 5  ? 9.541   -8.941  8.956   1.00 74.56  ? 5   U   A "C2'" 1 
ATOM   91  O  "O2'" . U   A 1 5  ? 10.870  -9.304  9.250   1.00 82.34  ? 5   U   A "O2'" 1 
ATOM   92  C  "C1'" . U   A 1 5  ? 8.633   -9.105  10.178  1.00 72.75  ? 5   U   A "C1'" 1 
ATOM   93  N  N1    . U   A 1 5  ? 7.230   -9.455  9.859   1.00 73.89  ? 5   U   A N1    1 
ATOM   94  C  C2    . U   A 1 5  ? 7.014   -10.676 9.243   1.00 66.76  ? 5   U   A C2    1 
ATOM   95  O  O2    . U   A 1 5  ? 7.918   -11.447 8.961   1.00 74.33  ? 5   U   A O2    1 
ATOM   96  N  N3    . U   A 1 5  ? 5.698   -10.966 8.979   1.00 70.50  ? 5   U   A N3    1 
ATOM   97  C  C4    . U   A 1 5  ? 4.595   -10.181 9.245   1.00 65.05  ? 5   U   A C4    1 
ATOM   98  O  O4    . U   A 1 5  ? 3.468   -10.598 8.942   1.00 66.78  ? 5   U   A O4    1 
ATOM   99  C  C5    . U   A 1 5  ? 4.895   -8.921  9.864   1.00 62.57  ? 5   U   A C5    1 
ATOM   100 C  C6    . U   A 1 5  ? 6.170   -8.612  10.152  1.00 68.14  ? 5   U   A C6    1 
ATOM   101 P  P     . G   A 1 6  ? 10.210  -6.201  6.470   1.00 82.40  ? 6   G   A P     1 
ATOM   102 O  OP1   . G   A 1 6  ? 11.587  -6.024  5.937   1.00 91.22  ? 6   G   A OP1   1 
ATOM   103 O  OP2   . G   A 1 6  ? 9.303   -5.016  6.479   1.00 72.84  ? 6   G   A OP2   1 
ATOM   104 O  "O5'" . G   A 1 6  ? 9.604   -7.516  5.806   1.00 62.60  ? 6   G   A "O5'" 1 
ATOM   105 C  "C5'" . G   A 1 6  ? 10.505  -8.517  5.320   1.00 68.24  ? 6   G   A "C5'" 1 
ATOM   106 C  "C4'" . G   A 1 6  ? 9.741   -9.653  4.702   1.00 64.68  ? 6   G   A "C4'" 1 
ATOM   107 O  "O4'" . G   A 1 6  ? 8.848   -10.250 5.689   1.00 76.87  ? 6   G   A "O4'" 1 
ATOM   108 C  "C3'" . G   A 1 6  ? 8.797   -9.284  3.572   1.00 70.85  ? 6   G   A "C3'" 1 
ATOM   109 O  "O3'" . G   A 1 6  ? 9.439   -9.051  2.329   1.00 78.98  ? 6   G   A "O3'" 1 
ATOM   110 C  "C2'" . G   A 1 6  ? 7.907   -10.515 3.545   1.00 78.03  ? 6   G   A "C2'" 1 
ATOM   111 O  "O2'" . G   A 1 6  ? 8.611   -11.634 3.037   1.00 81.64  ? 6   G   A "O2'" 1 
ATOM   112 C  "C1'" . G   A 1 6  ? 7.655   -10.701 5.041   1.00 75.95  ? 6   G   A "C1'" 1 
ATOM   113 N  N9    . G   A 1 6  ? 6.511   -9.932  5.545   1.00 64.71  ? 6   G   A N9    1 
ATOM   114 C  C8    . G   A 1 6  ? 6.557   -8.764  6.269   1.00 59.25  ? 6   G   A C8    1 
ATOM   115 N  N7    . G   A 1 6  ? 5.375   -8.305  6.585   1.00 56.25  ? 6   G   A N7    1 
ATOM   116 C  C5    . G   A 1 6  ? 4.491   -9.224  6.032   1.00 57.74  ? 6   G   A C5    1 
ATOM   117 C  C6    . G   A 1 6  ? 3.075   -9.266  6.066   1.00 52.09  ? 6   G   A C6    1 
ATOM   118 O  O6    . G   A 1 6  ? 2.294   -8.447  6.567   1.00 51.21  ? 6   G   A O6    1 
ATOM   119 N  N1    . G   A 1 6  ? 2.576   -10.339 5.332   1.00 57.63  ? 6   G   A N1    1 
ATOM   120 C  C2    . G   A 1 6  ? 3.343   -11.291 4.704   1.00 60.52  ? 6   G   A C2    1 
ATOM   121 N  N2    . G   A 1 6  ? 2.675   -12.283 4.096   1.00 61.91  ? 6   G   A N2    1 
ATOM   122 N  N3    . G   A 1 6  ? 4.670   -11.285 4.697   1.00 60.09  ? 6   G   A N3    1 
ATOM   123 C  C4    . G   A 1 6  ? 5.173   -10.231 5.380   1.00 60.16  ? 6   G   A C4    1 
ATOM   124 P  P     . G   A 1 7  ? 8.754   -8.029  1.282   1.00 79.75  ? 7   G   A P     1 
ATOM   125 O  OP1   . G   A 1 7  ? 9.661   -8.016  0.110   1.00 81.88  ? 7   G   A OP1   1 
ATOM   126 O  OP2   . G   A 1 7  ? 8.374   -6.742  1.933   1.00 72.59  ? 7   G   A OP2   1 
ATOM   127 O  "O5'" . G   A 1 7  ? 7.439   -8.827  0.862   1.00 66.18  ? 7   G   A "O5'" 1 
ATOM   128 C  "C5'" . G   A 1 7  ? 7.509   -9.964  -0.017  1.00 63.50  ? 7   G   A "C5'" 1 
ATOM   129 C  "C4'" . G   A 1 7  ? 6.148   -10.592 -0.129  1.00 69.13  ? 7   G   A "C4'" 1 
ATOM   130 O  "O4'" . G   A 1 7  ? 5.585   -10.696 1.208   1.00 71.24  ? 7   G   A "O4'" 1 
ATOM   131 C  "C3'" . G   A 1 7  ? 5.088   -9.786  -0.869  1.00 71.87  ? 7   G   A "C3'" 1 
ATOM   132 O  "O3'" . G   A 1 7  ? 5.133   -9.805  -2.294  1.00 65.47  ? 7   G   A "O3'" 1 
ATOM   133 C  "C2'" . G   A 1 7  ? 3.809   -10.414 -0.331  1.00 62.34  ? 7   G   A "C2'" 1 
ATOM   134 O  "O2'" . G   A 1 7  ? 3.526   -11.672 -0.912  1.00 68.87  ? 7   G   A "O2'" 1 
ATOM   135 C  "C1'" . G   A 1 7  ? 4.173   -10.581 1.143   1.00 69.11  ? 7   G   A "C1'" 1 
ATOM   136 N  N9    . G   A 1 7  ? 3.779   -9.434  1.947   1.00 55.31  ? 7   G   A N9    1 
ATOM   137 C  C8    . G   A 1 7  ? 4.611   -8.522  2.547   1.00 57.34  ? 7   G   A C8    1 
ATOM   138 N  N7    . G   A 1 7  ? 3.967   -7.593  3.198   1.00 64.00  ? 7   G   A N7    1 
ATOM   139 C  C5    . G   A 1 7  ? 2.627   -7.896  2.992   1.00 56.20  ? 7   G   A C5    1 
ATOM   140 C  C6    . G   A 1 7  ? 1.452   -7.240  3.451   1.00 51.92  ? 7   G   A C6    1 
ATOM   141 O  O6    . G   A 1 7  ? 1.357   -6.230  4.155   1.00 51.05  ? 7   G   A O6    1 
ATOM   142 N  N1    . G   A 1 7  ? 0.301   -7.866  2.989   1.00 51.66  ? 7   G   A N1    1 
ATOM   143 C  C2    . G   A 1 7  ? 0.274   -8.978  2.190   1.00 42.92  ? 7   G   A C2    1 
ATOM   144 N  N2    . G   A 1 7  ? -0.954  -9.427  1.849   1.00 47.06  ? 7   G   A N2    1 
ATOM   145 N  N3    . G   A 1 7  ? 1.361   -9.616  1.770   1.00 56.36  ? 7   G   A N3    1 
ATOM   146 C  C4    . G   A 1 7  ? 2.495   -9.014  2.198   1.00 55.90  ? 7   G   A C4    1 
ATOM   147 P  P     . C   A 1 8  ? 4.724   -8.438  -3.037  1.00 62.97  ? 8   C   A P     1 
ATOM   148 O  OP1   . C   A 1 8  ? 5.204   -8.696  -4.404  1.00 66.34  ? 8   C   A OP1   1 
ATOM   149 O  OP2   . C   A 1 8  ? 5.186   -7.219  -2.335  1.00 64.98  ? 8   C   A OP2   1 
ATOM   150 O  "O5'" . C   A 1 8  ? 3.130   -8.525  -3.027  1.00 61.66  ? 8   C   A "O5'" 1 
ATOM   151 C  "C5'" . C   A 1 8  ? 2.499   -9.770  -3.371  1.00 60.28  ? 8   C   A "C5'" 1 
ATOM   152 C  "C4'" . C   A 1 8  ? 1.008   -9.609  -3.337  1.00 60.89  ? 8   C   A "C4'" 1 
ATOM   153 O  "O4'" . C   A 1 8  ? 0.579   -9.549  -1.949  1.00 53.48  ? 8   C   A "O4'" 1 
ATOM   154 C  "C3'" . C   A 1 8  ? 0.488   -8.313  -3.930  1.00 56.28  ? 8   C   A "C3'" 1 
ATOM   155 O  "O3'" . C   A 1 8  ? 0.420   -8.311  -5.356  1.00 58.60  ? 8   C   A "O3'" 1 
ATOM   156 C  "C2'" . C   A 1 8  ? -0.877  -8.193  -3.255  1.00 56.79  ? 8   C   A "C2'" 1 
ATOM   157 O  "O2'" . C   A 1 8  ? -1.953  -8.973  -3.738  1.00 54.40  ? 8   C   A "O2'" 1 
ATOM   158 C  "C1'" . C   A 1 8  ? -0.564  -8.717  -1.852  1.00 54.52  ? 8   C   A "C1'" 1 
ATOM   159 N  N1    . C   A 1 8  ? -0.298  -7.612  -0.925  1.00 47.05  ? 8   C   A N1    1 
ATOM   160 C  C2    . C   A 1 8  ? -1.397  -6.917  -0.418  1.00 45.62  ? 8   C   A C2    1 
ATOM   161 O  O2    . C   A 1 8  ? -2.542  -7.278  -0.751  1.00 53.70  ? 8   C   A O2    1 
ATOM   162 N  N3    . C   A 1 8  ? -1.191  -5.868  0.414   1.00 39.26  ? 8   C   A N3    1 
ATOM   163 C  C4    . C   A 1 8  ? 0.054   -5.535  0.769   1.00 43.25  ? 8   C   A C4    1 
ATOM   164 N  N4    . C   A 1 8  ? 0.208   -4.503  1.612   1.00 42.22  ? 8   C   A N4    1 
ATOM   165 C  C5    . C   A 1 8  ? 1.195   -6.192  0.222   1.00 41.88  ? 8   C   A C5    1 
ATOM   166 C  C6    . C   A 1 8  ? 0.974   -7.227  -0.600  1.00 49.75  ? 8   C   A C6    1 
ATOM   167 P  P     . U   A 1 9  ? 0.442   -6.968  -6.204  1.00 62.03  ? 9   U   A P     1 
ATOM   168 O  OP1   . U   A 1 9  ? 0.332   -7.467  -7.610  1.00 68.81  ? 9   U   A OP1   1 
ATOM   169 O  OP2   . U   A 1 9  ? 1.572   -6.074  -5.837  1.00 57.37  ? 9   U   A OP2   1 
ATOM   170 O  "O5'" . U   A 1 9  ? -0.895  -6.131  -5.946  1.00 57.14  ? 9   U   A "O5'" 1 
ATOM   171 C  "C5'" . U   A 1 9  ? -2.175  -6.684  -6.248  1.00 55.45  ? 9   U   A "C5'" 1 
ATOM   172 C  "C4'" . U   A 1 9  ? -3.262  -5.924  -5.535  1.00 55.13  ? 9   U   A "C4'" 1 
ATOM   173 O  "O4'" . U   A 1 9  ? -3.067  -5.993  -4.092  1.00 49.05  ? 9   U   A "O4'" 1 
ATOM   174 C  "C3'" . U   A 1 9  ? -3.336  -4.435  -5.810  1.00 54.98  ? 9   U   A "C3'" 1 
ATOM   175 O  "O3'" . U   A 1 9  ? -3.983  -4.136  -7.042  1.00 62.82  ? 9   U   A "O3'" 1 
ATOM   176 C  "C2'" . U   A 1 9  ? -4.151  -3.942  -4.624  1.00 48.96  ? 9   U   A "C2'" 1 
ATOM   177 O  "O2'" . U   A 1 9  ? -5.552  -4.104  -4.869  1.00 44.58  ? 9   U   A "O2'" 1 
ATOM   178 C  "C1'" . U   A 1 9  ? -3.577  -4.805  -3.495  1.00 51.26  ? 9   U   A "C1'" 1 
ATOM   179 N  N1    . U   A 1 9  ? -2.485  -4.136  -2.764  1.00 45.81  ? 9   U   A N1    1 
ATOM   180 C  C2    . U   A 1 9  ? -2.854  -3.174  -1.850  1.00 42.10  ? 9   U   A C2    1 
ATOM   181 O  O2    . U   A 1 9  ? -4.014  -2.844  -1.664  1.00 46.74  ? 9   U   A O2    1 
ATOM   182 N  N3    . U   A 1 9  ? -1.811  -2.556  -1.207  1.00 43.18  ? 9   U   A N3    1 
ATOM   183 C  C4    . U   A 1 9  ? -0.472  -2.822  -1.341  1.00 44.39  ? 9   U   A C4    1 
ATOM   184 O  O4    . U   A 1 9  ? 0.343   -2.162  -0.682  1.00 50.34  ? 9   U   A O4    1 
ATOM   185 C  C5    . U   A 1 9  ? -0.160  -3.839  -2.302  1.00 45.11  ? 9   U   A C5    1 
ATOM   186 C  C6    . U   A 1 9  ? -1.158  -4.444  -2.973  1.00 41.30  ? 9   U   A C6    1 
ATOM   187 P  P     . A   A 1 10 ? -3.534  -2.854  -7.897  1.00 62.57  ? 10  A   A P     1 
ATOM   188 O  OP1   . A   A 1 10 ? -4.359  -3.015  -9.113  1.00 65.56  ? 10  A   A OP1   1 
ATOM   189 O  OP2   . A   A 1 10 ? -2.057  -2.655  -8.013  1.00 58.10  ? 10  A   A OP2   1 
ATOM   190 O  "O5'" . A   A 1 10 ? -3.928  -1.468  -7.212  1.00 55.81  ? 10  A   A "O5'" 1 
ATOM   191 C  "C5'" . A   A 1 10 ? -5.278  -1.134  -6.909  1.00 57.11  ? 10  A   A "C5'" 1 
ATOM   192 C  "C4'" . A   A 1 10 ? -5.314  0.006   -5.913  1.00 51.62  ? 10  A   A "C4'" 1 
ATOM   193 O  "O4'" . A   A 1 10 ? -4.548  -0.293  -4.717  1.00 55.00  ? 10  A   A "O4'" 1 
ATOM   194 C  "C3'" . A   A 1 10 ? -4.838  1.367   -6.408  1.00 58.77  ? 10  A   A "C3'" 1 
ATOM   195 O  "O3'" . A   A 1 10 ? -5.931  2.273   -6.348  1.00 72.78  ? 10  A   A "O3'" 1 
ATOM   196 C  "C2'" . A   A 1 10 ? -3.727  1.755   -5.440  1.00 59.10  ? 10  A   A "C2'" 1 
ATOM   197 O  "O2'" . A   A 1 10 ? -3.703  3.145   -5.167  1.00 82.78  ? 10  A   A "O2'" 1 
ATOM   198 C  "C1'" . A   A 1 10 ? -4.046  0.911   -4.199  1.00 50.59  ? 10  A   A "C1'" 1 
ATOM   199 N  N9    . A   A 1 10 ? -2.794  0.630   -3.507  1.00 43.30  ? 10  A   A N9    1 
ATOM   200 C  C8    . A   A 1 10 ? -1.824  -0.285  -3.866  1.00 36.38  ? 10  A   A C8    1 
ATOM   201 N  N7    . A   A 1 10 ? -0.747  -0.233  -3.113  1.00 44.88  ? 10  A   A N7    1 
ATOM   202 C  C5    . A   A 1 10 ? -1.033  0.764   -2.184  1.00 39.77  ? 10  A   A C5    1 
ATOM   203 C  C6    . A   A 1 10 ? -0.297  1.295   -1.108  1.00 40.22  ? 10  A   A C6    1 
ATOM   204 N  N6    . A   A 1 10 ? 0.914   0.864   -0.765  1.00 42.79  ? 10  A   A N6    1 
ATOM   205 N  N1    . A   A 1 10 ? -0.862  2.293   -0.386  1.00 42.31  ? 10  A   A N1    1 
ATOM   206 C  C2    . A   A 1 10 ? -2.083  2.725   -0.735  1.00 42.22  ? 10  A   A C2    1 
ATOM   207 N  N3    . A   A 1 10 ? -2.882  2.292   -1.715  1.00 44.81  ? 10  A   A N3    1 
ATOM   208 C  C4    . A   A 1 10 ? -2.283  1.315   -2.423  1.00 41.76  ? 10  A   A C4    1 
ATOM   209 P  P     . A   A 1 11 ? -6.674  2.566   -7.743  1.00 63.80  ? 11  A   A P     1 
ATOM   210 O  OP1   . A   A 1 11 ? -6.809  1.312   -8.541  1.00 69.20  ? 11  A   A OP1   1 
ATOM   211 O  OP2   . A   A 1 11 ? -5.920  3.736   -8.268  1.00 73.61  ? 11  A   A OP2   1 
ATOM   212 O  "O5'" . A   A 1 11 ? -8.177  2.924   -7.392  1.00 57.48  ? 11  A   A "O5'" 1 
ATOM   213 C  "C5'" . A   A 1 11 ? -8.396  3.876   -6.402  1.00 51.35  ? 11  A   A "C5'" 1 
ATOM   214 C  "C4'" . A   A 1 11 ? -9.812  3.847   -5.942  1.00 51.81  ? 11  A   A "C4'" 1 
ATOM   215 O  "O4'" . A   A 1 11 ? -9.983  2.731   -5.037  1.00 55.94  ? 11  A   A "O4'" 1 
ATOM   216 C  "C3'" . A   A 1 11 ? -10.079 5.109   -5.126  1.00 56.41  ? 11  A   A "C3'" 1 
ATOM   217 O  "O3'" . A   A 1 11 ? -10.775 6.050   -5.917  1.00 63.29  ? 11  A   A "O3'" 1 
ATOM   218 C  "C2'" . A   A 1 11 ? -10.699 4.615   -3.823  1.00 52.20  ? 11  A   A "C2'" 1 
ATOM   219 O  "O2'" . A   A 1 11 ? -12.109 4.746   -3.705  1.00 58.62  ? 11  A   A "O2'" 1 
ATOM   220 C  "C1'" . A   A 1 11 ? -10.099 3.210   -3.708  1.00 55.37  ? 11  A   A "C1'" 1 
ATOM   221 N  N9    . A   A 1 11 ? -8.763  3.158   -3.095  1.00 44.95  ? 11  A   A N9    1 
ATOM   222 C  C8    . A   A 1 11 ? -7.632  2.609   -3.653  1.00 46.33  ? 11  A   A C8    1 
ATOM   223 N  N7    . A   A 1 11 ? -6.580  2.658   -2.869  1.00 50.60  ? 11  A   A N7    1 
ATOM   224 C  C5    . A   A 1 11 ? -7.041  3.303   -1.729  1.00 42.12  ? 11  A   A C5    1 
ATOM   225 C  C6    . A   A 1 11 ? -6.409  3.656   -0.519  1.00 43.04  ? 11  A   A C6    1 
ATOM   226 N  N6    . A   A 1 11 ? -5.109  3.466   -0.286  1.00 39.95  ? 11  A   A N6    1 
ATOM   227 N  N1    . A   A 1 11 ? -7.146  4.305   0.407   1.00 41.97  ? 11  A   A N1    1 
ATOM   228 C  C2    . A   A 1 11 ? -8.446  4.504   0.163   1.00 45.31  ? 11  A   A C2    1 
ATOM   229 N  N3    . A   A 1 11 ? -9.164  4.170   -0.908  1.00 45.11  ? 11  A   A N3    1 
ATOM   230 C  C4    . A   A 1 11 ? -8.389  3.592   -1.840  1.00 43.66  ? 11  A   A C4    1 
ATOM   231 P  P     . G   A 1 12 ? -9.914  7.337   -6.266  1.00 56.24  ? 12  G   A P     1 
ATOM   232 O  OP1   . G   A 1 12 ? -10.958 8.261   -6.800  1.00 73.54  ? 12  G   A OP1   1 
ATOM   233 O  OP2   . G   A 1 12 ? -8.688  7.031   -7.066  1.00 60.38  ? 12  G   A OP2   1 
ATOM   234 O  "O5'" . G   A 1 12 ? -9.434  7.886   -4.831  1.00 56.63  ? 12  G   A "O5'" 1 
ATOM   235 C  "C5'" . G   A 1 12 ? -10.389 8.333   -3.860  1.00 50.98  ? 12  G   A "C5'" 1 
ATOM   236 C  "C4'" . G   A 1 12 ? -9.693  8.670   -2.568  1.00 50.21  ? 12  G   A "C4'" 1 
ATOM   237 O  "O4'" . G   A 1 12 ? -9.249  7.448   -1.930  1.00 48.37  ? 12  G   A "O4'" 1 
ATOM   238 C  "C3'" . G   A 1 12 ? -8.411  9.466   -2.708  1.00 45.28  ? 12  G   A "C3'" 1 
ATOM   239 O  "O3'" . G   A 1 12 ? -8.682  10.853  -2.792  1.00 52.53  ? 12  G   A "O3'" 1 
ATOM   240 C  "C2'" . G   A 1 12 ? -7.760  9.174   -1.368  1.00 52.63  ? 12  G   A "C2'" 1 
ATOM   241 O  "O2'" . G   A 1 12 ? -8.374  9.880   -0.295  1.00 46.68  ? 12  G   A "O2'" 1 
ATOM   242 C  "C1'" . G   A 1 12 ? -7.994  7.671   -1.295  1.00 51.48  ? 12  G   A "C1'" 1 
ATOM   243 N  N9    . G   A 1 12 ? -6.983  6.960   -2.066  1.00 44.99  ? 12  G   A N9    1 
ATOM   244 C  C8    . G   A 1 12 ? -7.122  6.393   -3.310  1.00 44.61  ? 12  G   A C8    1 
ATOM   245 N  N7    . G   A 1 12 ? -6.008  5.887   -3.771  1.00 44.74  ? 12  G   A N7    1 
ATOM   246 C  C5    . G   A 1 12 ? -5.081  6.126   -2.762  1.00 38.62  ? 12  G   A C5    1 
ATOM   247 C  C6    . G   A 1 12 ? -3.704  5.800   -2.676  1.00 46.39  ? 12  G   A C6    1 
ATOM   248 O  O6    . G   A 1 12 ? -2.999  5.186   -3.496  1.00 40.79  ? 12  G   A O6    1 
ATOM   249 N  N1    . G   A 1 12 ? -3.136  6.291   -1.501  1.00 43.38  ? 12  G   A N1    1 
ATOM   250 C  C2    . G   A 1 12 ? -3.807  7.007   -0.537  1.00 45.31  ? 12  G   A C2    1 
ATOM   251 N  N2    . G   A 1 12 ? -3.094  7.396   0.531   1.00 42.28  ? 12  G   A N2    1 
ATOM   252 N  N3    . G   A 1 12 ? -5.096  7.264   -0.582  1.00 41.66  ? 12  G   A N3    1 
ATOM   253 C  C4    . G   A 1 12 ? -5.659  6.835   -1.727  1.00 41.36  ? 12  G   A C4    1 
ATOM   254 P  P     . G   A 1 13 ? -7.742  11.905  -3.606  1.00 53.35  ? 13  G   A P     1 
ATOM   255 O  OP1   . G   A 1 13 ? -8.346  13.250  -3.445  1.00 53.73  ? 13  G   A OP1   1 
ATOM   256 O  OP2   . G   A 1 13 ? -7.504  11.336  -4.976  1.00 52.97  ? 13  G   A OP2   1 
ATOM   257 O  "O5'" . G   A 1 13 ? -6.411  11.780  -2.747  1.00 48.87  ? 13  G   A "O5'" 1 
ATOM   258 C  "C5'" . G   A 1 13 ? -6.359  12.471  -1.522  1.00 49.21  ? 13  G   A "C5'" 1 
ATOM   259 C  "C4'" . G   A 1 13 ? -4.977  12.292  -0.998  1.00 42.96  ? 13  G   A "C4'" 1 
ATOM   260 O  "O4'" . G   A 1 13 ? -4.683  10.879  -0.931  1.00 47.88  ? 13  G   A "O4'" 1 
ATOM   261 C  "C3'" . G   A 1 13 ? -3.903  12.827  -1.915  1.00 51.53  ? 13  G   A "C3'" 1 
ATOM   262 O  "O3'" . G   A 1 13 ? -3.836  14.242  -1.714  1.00 53.41  ? 13  G   A "O3'" 1 
ATOM   263 C  "C2'" . G   A 1 13 ? -2.691  12.028  -1.449  1.00 49.22  ? 13  G   A "C2'" 1 
ATOM   264 O  "O2'" . G   A 1 13 ? -2.152  12.353  -0.187  1.00 43.31  ? 13  G   A "O2'" 1 
ATOM   265 C  "C1'" . G   A 1 13 ? -3.318  10.664  -1.202  1.00 44.00  ? 13  G   A "C1'" 1 
ATOM   266 N  N9    . G   A 1 13 ? -3.217  9.843   -2.395  1.00 48.09  ? 13  G   A N9    1 
ATOM   267 C  C8    . G   A 1 13 ? -4.199  9.603   -3.326  1.00 42.59  ? 13  G   A C8    1 
ATOM   268 N  N7    . G   A 1 13 ? -3.783  8.878   -4.334  1.00 40.02  ? 13  G   A N7    1 
ATOM   269 C  C5    . G   A 1 13 ? -2.446  8.624   -4.045  1.00 36.98  ? 13  G   A C5    1 
ATOM   270 C  C6    . G   A 1 13 ? -1.497  7.852   -4.750  1.00 42.11  ? 13  G   A C6    1 
ATOM   271 O  O6    . G   A 1 13 ? -1.661  7.193   -5.784  1.00 44.97  ? 13  G   A O6    1 
ATOM   272 N  N1    . G   A 1 13 ? -0.258  7.869   -4.126  1.00 37.90  ? 13  G   A N1    1 
ATOM   273 C  C2    . G   A 1 13 ? 0.034   8.565   -2.973  1.00 47.68  ? 13  G   A C2    1 
ATOM   274 N  N2    . G   A 1 13 ? 1.281   8.443   -2.521  1.00 41.66  ? 13  G   A N2    1 
ATOM   275 N  N3    . G   A 1 13 ? -0.856  9.263   -2.282  1.00 44.54  ? 13  G   A N3    1 
ATOM   276 C  C4    . G   A 1 13 ? -2.073  9.239   -2.871  1.00 41.25  ? 13  G   A C4    1 
ATOM   277 P  P     . C   A 1 14 ? -3.204  15.140  -2.896  1.00 52.71  ? 14  C   A P     1 
ATOM   278 O  OP1   . C   A 1 14 ? -3.254  16.530  -2.391  1.00 58.35  ? 14  C   A OP1   1 
ATOM   279 O  OP2   . C   A 1 14 ? -3.918  14.784  -4.175  1.00 49.76  ? 14  C   A OP2   1 
ATOM   280 O  "O5'" . C   A 1 14 ? -1.687  14.676  -2.945  1.00 45.84  ? 14  C   A "O5'" 1 
ATOM   281 C  "C5'" . C   A 1 14 ? -0.779  15.071  -1.894  1.00 53.64  ? 14  C   A "C5'" 1 
ATOM   282 C  "C4'" . C   A 1 14 ? 0.586   14.465  -2.156  1.00 45.74  ? 14  C   A "C4'" 1 
ATOM   283 O  "O4'" . C   A 1 14 ? 0.505   13.016  -2.203  1.00 53.32  ? 14  C   A "O4'" 1 
ATOM   284 C  "C3'" . C   A 1 14 ? 1.200   14.814  -3.492  1.00 55.62  ? 14  C   A "C3'" 1 
ATOM   285 O  "O3'" . C   A 1 14 ? 1.762   16.104  -3.396  1.00 51.11  ? 14  C   A "O3'" 1 
ATOM   286 C  "C2'" . C   A 1 14 ? 2.247   13.727  -3.640  1.00 46.50  ? 14  C   A "C2'" 1 
ATOM   287 O  "O2'" . C   A 1 14 ? 3.330   13.847  -2.769  1.00 52.13  ? 14  C   A "O2'" 1 
ATOM   288 C  "C1'" . C   A 1 14 ? 1.482   12.516  -3.116  1.00 49.62  ? 14  C   A "C1'" 1 
ATOM   289 N  N1    . C   A 1 14 ? 0.792   11.849  -4.217  1.00 43.30  ? 14  C   A N1    1 
ATOM   290 C  C2    . C   A 1 14 ? 1.543   11.021  -5.053  1.00 48.75  ? 14  C   A C2    1 
ATOM   291 O  O2    . C   A 1 14 ? 2.740   10.836  -4.790  1.00 48.48  ? 14  C   A O2    1 
ATOM   292 N  N3    . C   A 1 14 ? 0.938   10.413  -6.101  1.00 40.15  ? 14  C   A N3    1 
ATOM   293 C  C4    . C   A 1 14 ? -0.348  10.653  -6.356  1.00 43.76  ? 14  C   A C4    1 
ATOM   294 N  N4    . C   A 1 14 ? -0.902  10.039  -7.405  1.00 39.79  ? 14  C   A N4    1 
ATOM   295 C  C5    . C   A 1 14 ? -1.131  11.528  -5.540  1.00 41.26  ? 14  C   A C5    1 
ATOM   296 C  C6    . C   A 1 14 ? -0.514  12.128  -4.511  1.00 49.09  ? 14  C   A C6    1 
ATOM   297 P  P     . A   A 1 15 ? 1.833   17.001  -4.698  1.00 60.44  ? 15  A   A P     1 
ATOM   298 O  OP1   . A   A 1 15 ? 2.484   18.223  -4.195  1.00 57.95  ? 15  A   A OP1   1 
ATOM   299 O  OP2   . A   A 1 15 ? 0.569   17.102  -5.481  1.00 52.52  ? 15  A   A OP2   1 
ATOM   300 O  "O5'" . A   A 1 15 ? 2.887   16.183  -5.570  1.00 50.07  ? 15  A   A "O5'" 1 
ATOM   301 C  "C5'" . A   A 1 15 ? 4.210   15.972  -5.095  1.00 52.40  ? 15  A   A "C5'" 1 
ATOM   302 C  "C4'" . A   A 1 15 ? 4.996   15.182  -6.113  1.00 46.69  ? 15  A   A "C4'" 1 
ATOM   303 O  "O4'" . A   A 1 15 ? 4.497   13.827  -6.148  1.00 48.97  ? 15  A   A "O4'" 1 
ATOM   304 C  "C3'" . A   A 1 15 ? 4.936   15.628  -7.567  1.00 50.16  ? 15  A   A "C3'" 1 
ATOM   305 O  "O3'" . A   A 1 15 ? 5.883   16.663  -7.916  1.00 50.77  ? 15  A   A "O3'" 1 
ATOM   306 C  "C2'" . A   A 1 15 ? 5.368   14.359  -8.292  1.00 45.21  ? 15  A   A "C2'" 1 
ATOM   307 O  "O2'" . A   A 1 15 ? 6.772   14.332  -8.133  1.00 54.94  ? 15  A   A "O2'" 1 
ATOM   308 C  "C1'" . A   A 1 15 ? 4.711   13.274  -7.442  1.00 52.77  ? 15  A   A "C1'" 1 
ATOM   309 N  N9    . A   A 1 15 ? 3.414   12.874  -7.983  1.00 45.13  ? 15  A   A N9    1 
ATOM   310 C  C8    . A   A 1 15 ? 2.180   13.405  -7.699  1.00 50.01  ? 15  A   A C8    1 
ATOM   311 N  N7    . A   A 1 15 ? 1.203   12.856  -8.382  1.00 48.70  ? 15  A   A N7    1 
ATOM   312 C  C5    . A   A 1 15 ? 1.839   11.900  -9.162  1.00 40.47  ? 15  A   A C5    1 
ATOM   313 C  C6    . A   A 1 15 ? 1.362   11.011  -10.136 1.00 44.29  ? 15  A   A C6    1 
ATOM   314 N  N6    . A   A 1 15 ? 0.061   10.862  -10.432 1.00 43.36  ? 15  A   A N6    1 
ATOM   315 N  N1    . A   A 1 15 ? 2.264   10.246  -10.783 1.00 47.47  ? 15  A   A N1    1 
ATOM   316 C  C2    . A   A 1 15 ? 3.558   10.362  -10.452 1.00 46.22  ? 15  A   A C2    1 
ATOM   317 N  N3    . A   A 1 15 ? 4.131   11.187  -9.583  1.00 49.44  ? 15  A   A N3    1 
ATOM   318 C  C4    . A   A 1 15 ? 3.207   11.958  -8.984  1.00 48.18  ? 15  A   A C4    1 
ATOM   319 P  P     . U   A 1 16 ? 5.391   17.822  -8.908  1.00 57.10  ? 16  U   A P     1 
ATOM   320 O  OP1   . U   A 1 16 ? 6.417   18.899  -8.913  1.00 56.93  ? 16  U   A OP1   1 
ATOM   321 O  OP2   . U   A 1 16 ? 3.961   18.185  -8.700  1.00 57.85  ? 16  U   A OP2   1 
ATOM   322 O  "O5'" . U   A 1 16 ? 5.405   17.089  -10.321 1.00 49.62  ? 16  U   A "O5'" 1 
ATOM   323 C  "C5'" . U   A 1 16 ? 6.632   16.428  -10.725 1.00 53.52  ? 16  U   A "C5'" 1 
ATOM   324 C  "C4'" . U   A 1 16 ? 6.412   15.630  -11.988 1.00 44.01  ? 16  U   A "C4'" 1 
ATOM   325 O  "O4'" . U   A 1 16 ? 5.830   14.323  -11.676 1.00 53.44  ? 16  U   A "O4'" 1 
ATOM   326 C  "C3'" . U   A 1 16 ? 5.432   16.203  -12.977 1.00 45.70  ? 16  U   A "C3'" 1 
ATOM   327 O  "O3'" . U   A 1 16 ? 6.078   17.251  -13.706 1.00 50.92  ? 16  U   A "O3'" 1 
ATOM   328 C  "C2'" . U   A 1 16 ? 5.182   14.980  -13.843 1.00 51.07  ? 16  U   A "C2'" 1 
ATOM   329 O  "O2'" . U   A 1 16 ? 6.365   14.742  -14.566 1.00 55.08  ? 16  U   A "O2'" 1 
ATOM   330 C  "C1'" . U   A 1 16 ? 5.054   13.889  -12.777 1.00 49.83  ? 16  U   A "C1'" 1 
ATOM   331 N  N1    . U   A 1 16 ? 3.660   13.859  -12.352 1.00 43.82  ? 16  U   A N1    1 
ATOM   332 C  C2    . U   A 1 16 ? 2.807   12.999  -13.008 1.00 50.67  ? 16  U   A C2    1 
ATOM   333 O  O2    . U   A 1 16 ? 3.187   12.211  -13.868 1.00 52.64  ? 16  U   A O2    1 
ATOM   334 N  N3    . U   A 1 16 ? 1.500   13.066  -12.594 1.00 41.40  ? 16  U   A N3    1 
ATOM   335 C  C4    . U   A 1 16 ? 0.957   13.951  -11.674 1.00 48.39  ? 16  U   A C4    1 
ATOM   336 O  O4    . U   A 1 16 ? -0.255  13.929  -11.449 1.00 46.34  ? 16  U   A O4    1 
ATOM   337 C  C5    . U   A 1 16 ? 1.907   14.819  -11.052 1.00 43.93  ? 16  U   A C5    1 
ATOM   338 C  C6    . U   A 1 16 ? 3.192   14.756  -11.415 1.00 48.06  ? 16  U   A C6    1 
ATOM   339 P  P     . G   A 1 17 ? 5.340   18.443  -14.410 1.00 57.12  ? 17  G   A P     1 
ATOM   340 O  OP1   . G   A 1 17 ? 6.338   19.322  -15.062 1.00 67.28  ? 17  G   A OP1   1 
ATOM   341 O  OP2   . G   A 1 17 ? 4.303   19.076  -13.522 1.00 59.29  ? 17  G   A OP2   1 
ATOM   342 O  "O5'" . G   A 1 17 ? 4.534   17.877  -15.669 1.00 51.96  ? 17  G   A "O5'" 1 
ATOM   343 C  "C5'" . G   A 1 17 ? 5.193   17.172  -16.756 1.00 59.09  ? 17  G   A "C5'" 1 
ATOM   344 C  "C4'" . G   A 1 17 ? 4.166   16.431  -17.591 1.00 47.81  ? 17  G   A "C4'" 1 
ATOM   345 O  "O4'" . G   A 1 17 ? 3.712   15.281  -16.827 1.00 56.75  ? 17  G   A "O4'" 1 
ATOM   346 C  "C3'" . G   A 1 17 ? 2.883   17.196  -17.847 1.00 52.73  ? 17  G   A "C3'" 1 
ATOM   347 O  "O3'" . G   A 1 17 ? 3.002   18.172  -18.872 1.00 51.14  ? 17  G   A "O3'" 1 
ATOM   348 C  "C2'" . G   A 1 17 ? 1.901   16.062  -18.139 1.00 48.35  ? 17  G   A "C2'" 1 
ATOM   349 O  "O2'" . G   A 1 17 ? 1.953   15.704  -19.491 1.00 53.15  ? 17  G   A "O2'" 1 
ATOM   350 C  "C1'" . G   A 1 17 ? 2.346   15.013  -17.111 1.00 54.35  ? 17  G   A "C1'" 1 
ATOM   351 N  N9    . G   A 1 17 ? 1.551   15.189  -15.895 1.00 49.39  ? 17  G   A N9    1 
ATOM   352 C  C8    . G   A 1 17 ? 1.789   16.066  -14.869 1.00 51.02  ? 17  G   A C8    1 
ATOM   353 N  N7    . G   A 1 17 ? 0.788   16.162  -14.036 1.00 57.05  ? 17  G   A N7    1 
ATOM   354 C  C5    . G   A 1 17 ? -0.183  15.327  -14.569 1.00 53.01  ? 17  G   A C5    1 
ATOM   355 C  C6    . G   A 1 17 ? -1.484  14.994  -14.089 1.00 52.44  ? 17  G   A C6    1 
ATOM   356 O  O6    . G   A 1 17 ? -2.058  15.382  -13.057 1.00 54.78  ? 17  G   A O6    1 
ATOM   357 N  N1    . G   A 1 17 ? -2.134  14.115  -14.949 1.00 50.32  ? 17  G   A N1    1 
ATOM   358 C  C2    . G   A 1 17 ? -1.597  13.594  -16.097 1.00 49.77  ? 17  G   A C2    1 
ATOM   359 N  N2    . G   A 1 17 ? -2.398  12.777  -16.803 1.00 45.43  ? 17  G   A N2    1 
ATOM   360 N  N3    . G   A 1 17 ? -0.398  13.907  -16.559 1.00 47.18  ? 17  G   A N3    1 
ATOM   361 C  C4    . G   A 1 17 ? 0.265   14.736  -15.728 1.00 47.33  ? 17  G   A C4    1 
ATOM   362 P  P     . A   A 1 18 ? 2.268   19.609  -18.824 1.00 59.90  ? 18  A   A P     1 
ATOM   363 O  OP1   . A   A 1 18 ? 2.426   20.389  -20.067 1.00 65.54  ? 18  A   A OP1   1 
ATOM   364 O  OP2   . A   A 1 18 ? 2.640   20.211  -17.516 1.00 68.35  ? 18  A   A OP2   1 
ATOM   365 O  "O5'" . A   A 1 18 ? 0.717   19.252  -18.716 1.00 56.41  ? 18  A   A "O5'" 1 
ATOM   366 C  "C5'" . A   A 1 18 ? -0.268  20.285  -18.717 1.00 55.84  ? 18  A   A "C5'" 1 
ATOM   367 C  "C4'" . A   A 1 18 ? -1.418  19.879  -19.591 1.00 54.40  ? 18  A   A "C4'" 1 
ATOM   368 O  "O4'" . A   A 1 18 ? -0.988  19.973  -20.964 1.00 55.35  ? 18  A   A "O4'" 1 
ATOM   369 C  "C3'" . A   A 1 18 ? -1.855  18.436  -19.411 1.00 52.62  ? 18  A   A "C3'" 1 
ATOM   370 O  "O3'" . A   A 1 18 ? -2.987  18.370  -18.550 1.00 53.97  ? 18  A   A "O3'" 1 
ATOM   371 C  "C2'" . A   A 1 18 ? -2.415  18.085  -20.773 1.00 49.98  ? 18  A   A "C2'" 1 
ATOM   372 O  "O2'" . A   A 1 18 ? -3.668  18.689  -20.971 1.00 56.28  ? 18  A   A "O2'" 1 
ATOM   373 C  "C1'" . A   A 1 18 ? -1.521  18.897  -21.699 1.00 52.71  ? 18  A   A "C1'" 1 
ATOM   374 N  N9    . A   A 1 18 ? -0.431  18.165  -22.354 1.00 46.43  ? 18  A   A N9    1 
ATOM   375 C  C8    . A   A 1 18 ? 0.920   18.366  -22.260 1.00 49.26  ? 18  A   A C8    1 
ATOM   376 N  N7    . A   A 1 18 ? 1.627   17.580  -23.036 1.00 48.91  ? 18  A   A N7    1 
ATOM   377 C  C5    . A   A 1 18 ? 0.672   16.850  -23.728 1.00 45.81  ? 18  A   A C5    1 
ATOM   378 C  C6    . A   A 1 18 ? 0.774   15.888  -24.745 1.00 47.02  ? 18  A   A C6    1 
ATOM   379 N  N6    . A   A 1 18 ? 1.940   15.479  -25.262 1.00 48.07  ? 18  A   A N6    1 
ATOM   380 N  N1    . A   A 1 18 ? -0.371  15.324  -25.195 1.00 44.74  ? 18  A   A N1    1 
ATOM   381 C  C2    . A   A 1 18 ? -1.537  15.761  -24.697 1.00 47.42  ? 18  A   A C2    1 
ATOM   382 N  N3    . A   A 1 18 ? -1.760  16.679  -23.753 1.00 45.26  ? 18  A   A N3    1 
ATOM   383 C  C4    . A   A 1 18 ? -0.601  17.201  -23.319 1.00 48.81  ? 18  A   A C4    1 
ATOM   384 P  P     . A   A 1 19 ? -2.940  17.210  -17.487 1.00 59.39  ? 19  A   A P     1 
ATOM   385 O  OP1   . A   A 1 19 ? -3.817  17.660  -16.390 1.00 57.36  ? 19  A   A OP1   1 
ATOM   386 O  OP2   . A   A 1 19 ? -1.519  16.911  -17.188 1.00 54.60  ? 19  A   A OP2   1 
ATOM   387 O  "O5'" . A   A 1 19 ? -3.641  15.978  -18.220 1.00 52.58  ? 19  A   A "O5'" 1 
ATOM   388 C  "C5'" . A   A 1 19 ? -4.928  16.138  -18.798 1.00 57.31  ? 19  A   A "C5'" 1 
ATOM   389 C  "C4'" . A   A 1 19 ? -5.090  15.172  -19.932 1.00 48.22  ? 19  A   A "C4'" 1 
ATOM   390 O  "O4'" . A   A 1 19 ? -4.119  15.469  -20.959 1.00 55.81  ? 19  A   A "O4'" 1 
ATOM   391 C  "C3'" . A   A 1 19 ? -4.860  13.703  -19.582 1.00 49.07  ? 19  A   A "C3'" 1 
ATOM   392 O  "O3'" . A   A 1 19 ? -6.066  13.048  -19.123 1.00 51.12  ? 19  A   A "O3'" 1 
ATOM   393 C  "C2'" . A   A 1 19 ? -4.504  13.120  -20.943 1.00 48.32  ? 19  A   A "C2'" 1 
ATOM   394 O  "O2'" . A   A 1 19 ? -5.679  12.984  -21.736 1.00 48.84  ? 19  A   A "O2'" 1 
ATOM   395 C  "C1'" . A   A 1 19 ? -3.663  14.246  -21.540 1.00 45.86  ? 19  A   A "C1'" 1 
ATOM   396 N  N9    . A   A 1 19 ? -2.221  14.173  -21.354 1.00 46.44  ? 19  A   A N9    1 
ATOM   397 C  C8    . A   A 1 19 ? -1.450  14.846  -20.433 1.00 46.54  ? 19  A   A C8    1 
ATOM   398 N  N7    . A   A 1 19 ? -0.157  14.690  -20.611 1.00 48.16  ? 19  A   A N7    1 
ATOM   399 C  C5    . A   A 1 19 ? -0.072  13.886  -21.748 1.00 45.54  ? 19  A   A C5    1 
ATOM   400 C  C6    . A   A 1 19 ? 1.025   13.339  -22.441 1.00 41.65  ? 19  A   A C6    1 
ATOM   401 N  N6    . A   A 1 19 ? 2.295   13.590  -22.116 1.00 41.77  ? 19  A   A N6    1 
ATOM   402 N  N1    . A   A 1 19 ? 0.770   12.574  -23.528 1.00 39.79  ? 19  A   A N1    1 
ATOM   403 C  C2    . A   A 1 19 ? -0.506  12.322  -23.846 1.00 47.13  ? 19  A   A C2    1 
ATOM   404 N  N3    . A   A 1 19 ? -1.624  12.773  -23.267 1.00 41.80  ? 19  A   A N3    1 
ATOM   405 C  C4    . A   A 1 19 ? -1.332  13.551  -22.206 1.00 47.03  ? 19  A   A C4    1 
ATOM   406 P  P     . A   A 1 20 ? -6.035  11.740  -18.228 1.00 55.69  ? 20  A   A P     1 
ATOM   407 O  OP1   . A   A 1 20 ? -7.453  11.334  -17.970 1.00 61.74  ? 20  A   A OP1   1 
ATOM   408 O  OP2   . A   A 1 20 ? -5.081  11.804  -17.084 1.00 61.01  ? 20  A   A OP2   1 
ATOM   409 O  "O5'" . A   A 1 20 ? -5.449  10.580  -19.162 1.00 55.47  ? 20  A   A "O5'" 1 
ATOM   410 C  "C5'" . A   A 1 20 ? -6.228  9.941   -20.217 1.00 49.35  ? 20  A   A "C5'" 1 
ATOM   411 C  "C4'" . A   A 1 20 ? -5.326  9.057   -21.071 1.00 40.92  ? 20  A   A "C4'" 1 
ATOM   412 O  "O4'" . A   A 1 20 ? -4.333  9.911   -21.714 1.00 49.41  ? 20  A   A "O4'" 1 
ATOM   413 C  "C3'" . A   A 1 20 ? -4.488  8.044   -20.325 1.00 41.26  ? 20  A   A "C3'" 1 
ATOM   414 O  "O3'" . A   A 1 20 ? -5.194  6.833   -20.062 1.00 47.94  ? 20  A   A "O3'" 1 
ATOM   415 C  "C2'" . A   A 1 20 ? -3.333  7.834   -21.301 1.00 43.83  ? 20  A   A "C2'" 1 
ATOM   416 O  "O2'" . A   A 1 20 ? -3.916  7.086   -22.337 1.00 39.93  ? 20  A   A "O2'" 1 
ATOM   417 C  "C1'" . A   A 1 20 ? -3.076  9.269   -21.747 1.00 43.60  ? 20  A   A "C1'" 1 
ATOM   418 N  N9    . A   A 1 20 ? -2.131  10.023  -20.908 1.00 47.24  ? 20  A   A N9    1 
ATOM   419 C  C8    . A   A 1 20 ? -2.410  10.771  -19.784 1.00 45.31  ? 20  A   A C8    1 
ATOM   420 N  N7    . A   A 1 20 ? -1.345  11.293  -19.218 1.00 43.07  ? 20  A   A N7    1 
ATOM   421 C  C5    . A   A 1 20 ? -0.292  10.843  -20.008 1.00 38.92  ? 20  A   A C5    1 
ATOM   422 C  C6    . A   A 1 20 ? 1.095   11.071  -19.953 1.00 47.97  ? 20  A   A C6    1 
ATOM   423 N  N6    . A   A 1 20 ? 1.685   11.855  -19.038 1.00 44.64  ? 20  A   A N6    1 
ATOM   424 N  N1    . A   A 1 20 ? 1.867   10.465  -20.884 1.00 46.48  ? 20  A   A N1    1 
ATOM   425 C  C2    . A   A 1 20 ? 1.266   9.769   -21.860 1.00 44.72  ? 20  A   A C2    1 
ATOM   426 N  N3    . A   A 1 20 ? -0.020  9.469   -22.007 1.00 41.61  ? 20  A   A N3    1 
ATOM   427 C  C4    . A   A 1 20 ? -0.760  10.058  -21.050 1.00 41.15  ? 20  A   A C4    1 
ATOM   428 P  P     . G   A 1 21 ? -5.029  6.085   -18.658 1.00 58.65  ? 21  G   A P     1 
ATOM   429 O  OP1   . G   A 1 21 ? -5.761  4.827   -18.863 1.00 63.55  ? 21  G   A OP1   1 
ATOM   430 O  OP2   . G   A 1 21 ? -5.438  6.980   -17.549 1.00 60.12  ? 21  G   A OP2   1 
ATOM   431 O  "O5'" . G   A 1 21 ? -3.480  5.769   -18.394 1.00 57.01  ? 21  G   A "O5'" 1 
ATOM   432 C  "C5'" . G   A 1 21 ? -2.701  4.919   -19.241 1.00 47.83  ? 21  G   A "C5'" 1 
ATOM   433 C  "C4'" . G   A 1 21 ? -1.240  5.339   -19.215 1.00 42.08  ? 21  G   A "C4'" 1 
ATOM   434 O  "O4'" . G   A 1 21 ? -1.101  6.769   -19.354 1.00 42.04  ? 21  G   A "O4'" 1 
ATOM   435 C  "C3'" . G   A 1 21 ? -0.449  5.048   -17.972 1.00 43.72  ? 21  G   A "C3'" 1 
ATOM   436 O  "O3'" . G   A 1 21 ? -0.141  3.671   -17.948 1.00 48.22  ? 21  G   A "O3'" 1 
ATOM   437 C  "C2'" . G   A 1 21 ? 0.756   5.952   -18.177 1.00 42.63  ? 21  G   A "C2'" 1 
ATOM   438 O  "O2'" . G   A 1 21 ? 1.683   5.437   -19.119 1.00 49.63  ? 21  G   A "O2'" 1 
ATOM   439 C  "C1'" . G   A 1 21 ? 0.082   7.198   -18.723 1.00 44.31  ? 21  G   A "C1'" 1 
ATOM   440 N  N9    . G   A 1 21 ? -0.312  8.108   -17.658 1.00 40.88  ? 21  G   A N9    1 
ATOM   441 C  C8    . G   A 1 21 ? -1.590  8.325   -17.193 1.00 46.64  ? 21  G   A C8    1 
ATOM   442 N  N7    . G   A 1 21 ? -1.645  9.224   -16.246 1.00 45.62  ? 21  G   A N7    1 
ATOM   443 C  C5    . G   A 1 21 ? -0.323  9.633   -16.083 1.00 43.02  ? 21  G   A C5    1 
ATOM   444 C  C6    . G   A 1 21 ? 0.249   10.589  -15.194 1.00 46.60  ? 21  G   A C6    1 
ATOM   445 O  O6    . G   A 1 21 ? -0.312  11.295  -14.342 1.00 44.73  ? 21  G   A O6    1 
ATOM   446 N  N1    . G   A 1 21 ? 1.624   10.680  -15.361 1.00 44.66  ? 21  G   A N1    1 
ATOM   447 C  C2    . G   A 1 21 ? 2.360   9.969   -16.281 1.00 47.96  ? 21  G   A C2    1 
ATOM   448 N  N2    . G   A 1 21 ? 3.678   10.210  -16.295 1.00 42.39  ? 21  G   A N2    1 
ATOM   449 N  N3    . G   A 1 21 ? 1.843   9.085   -17.121 1.00 42.10  ? 21  G   A N3    1 
ATOM   450 C  C4    . G   A 1 21 ? 0.507   8.959   -16.959 1.00 43.97  ? 21  G   A C4    1 
ATOM   451 P  P     . U   A 1 22 ? 0.224   2.894   -16.604 1.00 56.11  ? 22  U   A P     1 
ATOM   452 O  OP1   . U   A 1 22 ? 0.397   1.506   -17.046 1.00 52.31  ? 22  U   A OP1   1 
ATOM   453 O  OP2   . U   A 1 22 ? -0.821  3.273   -15.626 1.00 59.57  ? 22  U   A OP2   1 
ATOM   454 O  "O5'" . U   A 1 22 ? 1.546   3.607   -16.064 1.00 51.40  ? 22  U   A "O5'" 1 
ATOM   455 C  "C5'" . U   A 1 22 ? 2.808   3.434   -16.737 1.00 56.84  ? 22  U   A "C5'" 1 
ATOM   456 C  "C4'" . U   A 1 22 ? 3.834   4.313   -16.072 1.00 51.99  ? 22  U   A "C4'" 1 
ATOM   457 O  "O4'" . U   A 1 22 ? 3.435   5.700   -16.172 1.00 51.21  ? 22  U   A "O4'" 1 
ATOM   458 C  "C3'" . U   A 1 22 ? 3.966   4.109   -14.576 1.00 53.30  ? 22  U   A "C3'" 1 
ATOM   459 O  "O3'" . U   A 1 22 ? 4.803   2.999   -14.300 1.00 57.81  ? 22  U   A "O3'" 1 
ATOM   460 C  "C2'" . U   A 1 22 ? 4.611   5.413   -14.150 1.00 53.83  ? 22  U   A "C2'" 1 
ATOM   461 O  "O2'" . U   A 1 22 ? 5.986   5.457   -14.424 1.00 59.97  ? 22  U   A "O2'" 1 
ATOM   462 C  "C1'" . U   A 1 22 ? 3.878   6.409   -15.042 1.00 49.50  ? 22  U   A "C1'" 1 
ATOM   463 N  N1    . U   A 1 22 ? 2.694   6.947   -14.368 1.00 46.95  ? 22  U   A N1    1 
ATOM   464 C  C2    . U   A 1 22 ? 2.910   7.927   -13.426 1.00 53.03  ? 22  U   A C2    1 
ATOM   465 O  O2    . U   A 1 22 ? 4.027   8.331   -13.136 1.00 48.96  ? 22  U   A O2    1 
ATOM   466 N  N3    . U   A 1 22 ? 1.774   8.392   -12.809 1.00 42.86  ? 22  U   A N3    1 
ATOM   467 C  C4    . U   A 1 22 ? 0.483   7.956   -13.010 1.00 45.06  ? 22  U   A C4    1 
ATOM   468 O  O4    . U   A 1 22 ? -0.432  8.465   -12.371 1.00 46.23  ? 22  U   A O4    1 
ATOM   469 C  C5    . U   A 1 22 ? 0.342   6.958   -14.020 1.00 43.94  ? 22  U   A C5    1 
ATOM   470 C  C6    . U   A 1 22 ? 1.431   6.457   -14.608 1.00 43.62  ? 22  U   A C6    1 
ATOM   471 P  P     . G   A 1 23 ? 4.544   2.040   -13.067 1.00 57.34  ? 23  G   A P     1 
ATOM   472 O  OP1   . G   A 1 23 ? 5.202   0.728   -13.361 1.00 66.41  ? 23  G   A OP1   1 
ATOM   473 O  OP2   . G   A 1 23 ? 3.079   2.064   -12.771 1.00 69.10  ? 23  G   A OP2   1 
ATOM   474 O  "O5'" . G   A 1 23 ? 5.279   2.978   -12.005 1.00 54.78  ? 23  G   A "O5'" 1 
ATOM   475 C  "C5'" . G   A 1 23 ? 6.706   3.016   -11.924 1.00 53.59  ? 23  G   A "C5'" 1 
ATOM   476 C  "C4'" . G   A 1 23 ? 7.107   4.035   -10.895 1.00 56.50  ? 23  G   A "C4'" 1 
ATOM   477 O  "O4'" . G   A 1 23 ? 6.473   5.296   -11.211 1.00 54.44  ? 23  G   A "O4'" 1 
ATOM   478 C  "C3'" . G   A 1 23 ? 6.635   3.770   -9.478  1.00 57.77  ? 23  G   A "C3'" 1 
ATOM   479 O  "O3'" . G   A 1 23 ? 7.498   2.935   -8.738  1.00 61.21  ? 23  G   A "O3'" 1 
ATOM   480 C  "C2'" . G   A 1 23 ? 6.746   5.153   -8.878  1.00 53.91  ? 23  G   A "C2'" 1 
ATOM   481 O  "O2'" . G   A 1 23 ? 8.089   5.518   -8.651  1.00 61.82  ? 23  G   A "O2'" 1 
ATOM   482 C  "C1'" . G   A 1 23 ? 6.190   5.994   -10.015 1.00 57.84  ? 23  G   A "C1'" 1 
ATOM   483 N  N9    . G   A 1 23 ? 4.750   6.234   -9.926  1.00 48.76  ? 23  G   A N9    1 
ATOM   484 C  C8    . G   A 1 23 ? 3.727   5.640   -10.627 1.00 47.84  ? 23  G   A C8    1 
ATOM   485 N  N7    . G   A 1 23 ? 2.549   6.112   -10.313 1.00 49.92  ? 23  G   A N7    1 
ATOM   486 C  C5    . G   A 1 23 ? 2.813   7.071   -9.341  1.00 45.26  ? 23  G   A C5    1 
ATOM   487 C  C6    . G   A 1 23 ? 1.928   7.910   -8.606  1.00 49.96  ? 23  G   A C6    1 
ATOM   488 O  O6    . G   A 1 23 ? 0.699   8.019   -8.714  1.00 45.07  ? 23  G   A O6    1 
ATOM   489 N  N1    . G   A 1 23 ? 2.619   8.720   -7.710  1.00 44.13  ? 23  G   A N1    1 
ATOM   490 C  C2    . G   A 1 23 ? 3.985   8.725   -7.534  1.00 53.38  ? 23  G   A C2    1 
ATOM   491 N  N2    . G   A 1 23 ? 4.469   9.564   -6.594  1.00 48.11  ? 23  G   A N2    1 
ATOM   492 N  N3    . G   A 1 23 ? 4.815   7.940   -8.197  1.00 45.79  ? 23  G   A N3    1 
ATOM   493 C  C4    . G   A 1 23 ? 4.165   7.151   -9.086  1.00 50.58  ? 23  G   A C4    1 
ATOM   494 P  P     . C   A 1 24 ? 6.865   1.889   -7.703  1.00 59.97  ? 24  C   A P     1 
ATOM   495 O  OP1   . C   A 1 24 ? 7.905   0.866   -7.439  1.00 66.99  ? 24  C   A OP1   1 
ATOM   496 O  OP2   . C   A 1 24 ? 5.556   1.465   -8.300  1.00 60.23  ? 24  C   A OP2   1 
ATOM   497 O  "O5'" . C   A 1 24 ? 6.672   2.876   -6.462  1.00 57.03  ? 24  C   A "O5'" 1 
ATOM   498 C  "C5'" . C   A 1 24 ? 7.800   3.503   -5.837  1.00 56.13  ? 24  C   A "C5'" 1 
ATOM   499 C  "C4'" . C   A 1 24 ? 7.293   4.589   -4.940  1.00 49.29  ? 24  C   A "C4'" 1 
ATOM   500 O  "O4'" . C   A 1 24 ? 6.432   5.464   -5.705  1.00 53.87  ? 24  C   A "O4'" 1 
ATOM   501 C  "C3'" . C   A 1 24 ? 6.364   4.101   -3.842  1.00 51.20  ? 24  C   A "C3'" 1 
ATOM   502 O  "O3'" . C   A 1 24 ? 7.031   3.388   -2.793  1.00 52.45  ? 24  C   A "O3'" 1 
ATOM   503 C  "C2'" . C   A 1 24 ? 5.662   5.389   -3.460  1.00 50.06  ? 24  C   A "C2'" 1 
ATOM   504 O  "O2'" . C   A 1 24 ? 6.372   6.284   -2.622  1.00 52.35  ? 24  C   A "O2'" 1 
ATOM   505 C  "C1'" . C   A 1 24 ? 5.452   6.026   -4.836  1.00 52.39  ? 24  C   A "C1'" 1 
ATOM   506 N  N1    . C   A 1 24 ? 4.113   5.765   -5.392  1.00 43.17  ? 24  C   A N1    1 
ATOM   507 C  C2    . C   A 1 24 ? 3.048   6.547   -4.942  1.00 46.89  ? 24  C   A C2    1 
ATOM   508 O  O2    . C   A 1 24 ? 3.267   7.412   -4.089  1.00 46.19  ? 24  C   A O2    1 
ATOM   509 N  N3    . C   A 1 24 ? 1.809   6.333   -5.437  1.00 42.47  ? 24  C   A N3    1 
ATOM   510 C  C4    . C   A 1 24 ? 1.607   5.346   -6.319  1.00 44.59  ? 24  C   A C4    1 
ATOM   511 N  N4    . C   A 1 24 ? 0.362   5.157   -6.773  1.00 43.30  ? 24  C   A N4    1 
ATOM   512 C  C5    . C   A 1 24 ? 2.676   4.531   -6.794  1.00 48.01  ? 24  C   A C5    1 
ATOM   513 C  C6    . C   A 1 24 ? 3.896   4.753   -6.283  1.00 49.62  ? 24  C   A C6    1 
ATOM   514 P  P     . U   A 1 25 ? 6.246   2.208   -2.003  1.00 57.68  ? 25  U   A P     1 
ATOM   515 O  OP1   . U   A 1 25 ? 7.229   1.568   -1.126  1.00 67.77  ? 25  U   A OP1   1 
ATOM   516 O  OP2   . U   A 1 25 ? 5.417   1.344   -2.893  1.00 55.64  ? 25  U   A OP2   1 
ATOM   517 O  "O5'" . U   A 1 25 ? 5.109   2.962   -1.175  1.00 54.17  ? 25  U   A "O5'" 1 
ATOM   518 C  "C5'" . U   A 1 25 ? 5.370   4.054   -0.282  1.00 55.23  ? 25  U   A "C5'" 1 
ATOM   519 C  "C4'" . U   A 1 25 ? 4.056   4.700   0.075   1.00 51.29  ? 25  U   A "C4'" 1 
ATOM   520 O  "O4'" . U   A 1 25 ? 3.439   5.245   -1.118  1.00 51.34  ? 25  U   A "O4'" 1 
ATOM   521 C  "C3'" . U   A 1 25 ? 2.974   3.770   0.582   1.00 51.26  ? 25  U   A "C3'" 1 
ATOM   522 O  "O3'" . U   A 1 25 ? 3.234   3.483   1.950   1.00 51.42  ? 25  U   A "O3'" 1 
ATOM   523 C  "C2'" . U   A 1 25 ? 1.739   4.634   0.394   1.00 52.92  ? 25  U   A "C2'" 1 
ATOM   524 O  "O2'" . U   A 1 25 ? 1.700   5.719   1.300   1.00 54.46  ? 25  U   A "O2'" 1 
ATOM   525 C  "C1'" . U   A 1 25 ? 2.050   5.332   -0.939  1.00 52.77  ? 25  U   A "C1'" 1 
ATOM   526 N  N1    . U   A 1 25 ? 1.375   4.697   -2.084  1.00 36.86  ? 25  U   A N1    1 
ATOM   527 C  C2    . U   A 1 25 ? 0.043   5.017   -2.271  1.00 44.01  ? 25  U   A C2    1 
ATOM   528 O  O2    . U   A 1 25 ? -0.541  5.861   -1.606  1.00 45.04  ? 25  U   A O2    1 
ATOM   529 N  N3    . U   A 1 25 ? -0.571  4.348   -3.297  1.00 41.31  ? 25  U   A N3    1 
ATOM   530 C  C4    . U   A 1 25 ? -0.036  3.343   -4.081  1.00 43.11  ? 25  U   A C4    1 
ATOM   531 O  O4    . U   A 1 25 ? -0.729  2.842   -4.974  1.00 47.62  ? 25  U   A O4    1 
ATOM   532 C  C5    . U   A 1 25 ? 1.340   3.040   -3.804  1.00 41.14  ? 25  U   A C5    1 
ATOM   533 C  C6    . U   A 1 25 ? 1.967   3.673   -2.798  1.00 43.77  ? 25  U   A C6    1 
ATOM   534 P  P     . A   A 1 26 ? 2.738   2.115   2.625   1.00 56.21  ? 26  A   A P     1 
ATOM   535 O  OP1   . A   A 1 26 ? 3.632   1.872   3.782   1.00 54.03  ? 26  A   A OP1   1 
ATOM   536 O  OP2   . A   A 1 26 ? 2.515   0.962   1.689   1.00 55.29  ? 26  A   A OP2   1 
ATOM   537 O  "O5'" . A   A 1 26 ? 1.331   2.569   3.259   1.00 47.77  ? 26  A   A "O5'" 1 
ATOM   538 C  "C5'" . A   A 1 26 ? 0.749   1.727   4.282   1.00 44.05  ? 26  A   A "C5'" 1 
ATOM   539 C  "C4'" . A   A 1 26 ? -0.630  2.195   4.641   1.00 46.87  ? 26  A   A "C4'" 1 
ATOM   540 O  "O4'" . A   A 1 26 ? -1.515  2.163   3.477   1.00 45.34  ? 26  A   A "O4'" 1 
ATOM   541 C  "C3'" . A   A 1 26 ? -1.314  1.350   5.720   1.00 51.79  ? 26  A   A "C3'" 1 
ATOM   542 O  "O3'" . A   A 1 26 ? -2.185  2.280   6.377   1.00 47.56  ? 26  A   A "O3'" 1 
ATOM   543 C  "C2'" . A   A 1 26 ? -2.133  0.366   4.883   1.00 54.76  ? 26  A   A "C2'" 1 
ATOM   544 O  "O2'" . A   A 1 26 ? -3.296  0.013   5.601   1.00 51.85  ? 26  A   A "O2'" 1 
ATOM   545 C  "C1'" . A   A 1 26 ? -2.589  1.267   3.738   1.00 44.57  ? 26  A   A "C1'" 1 
ATOM   546 N  N9    . A   A 1 26 ? -3.047  0.629   2.488   1.00 42.89  ? 26  A   A N9    1 
ATOM   547 C  C8    . A   A 1 26 ? -2.373  -0.175  1.603   1.00 39.83  ? 26  A   A C8    1 
ATOM   548 N  N7    . A   A 1 26 ? -3.103  -0.570  0.583   1.00 43.42  ? 26  A   A N7    1 
ATOM   549 C  C5    . A   A 1 26 ? -4.330  0.033   0.799   1.00 39.57  ? 26  A   A C5    1 
ATOM   550 C  C6    . A   A 1 26 ? -5.553  -0.053  0.118   1.00 50.75  ? 26  A   A C6    1 
ATOM   551 N  N6    . A   A 1 26 ? -5.716  -0.712  -1.038  1.00 45.47  ? 26  A   A N6    1 
ATOM   552 N  N1    . A   A 1 26 ? -6.611  0.598   0.646   1.00 46.81  ? 26  A   A N1    1 
ATOM   553 C  C2    . A   A 1 26 ? -6.449  1.257   1.804   1.00 52.35  ? 26  A   A C2    1 
ATOM   554 N  N3    . A   A 1 26 ? -5.350  1.408   2.540   1.00 43.38  ? 26  A   A N3    1 
ATOM   555 C  C4    . A   A 1 26 ? -4.322  0.741   1.993   1.00 42.50  ? 26  A   A C4    1 
ATOM   556 P  P     . U   A 1 27 ? -2.580  2.256   7.963   1.00 49.45  ? 27  U   A P     1 
ATOM   557 O  OP1   . U   A 1 27 ? -2.180  3.601   8.444   1.00 61.34  ? 27  U   A OP1   1 
ATOM   558 O  OP2   . U   A 1 27 ? -1.972  1.016   8.441   1.00 44.21  ? 27  U   A OP2   1 
ATOM   559 O  "O5'" . U   A 1 27 ? -4.175  2.163   7.795   1.00 51.39  ? 27  U   A "O5'" 1 
ATOM   560 C  "C5'" . U   A 1 27 ? -5.077  2.580   8.841   1.00 51.47  ? 27  U   A "C5'" 1 
ATOM   561 C  "C4'" . U   A 1 27 ? -6.467  2.768   8.278   1.00 42.37  ? 27  U   A "C4'" 1 
ATOM   562 O  "O4'" . U   A 1 27 ? -6.543  4.062   7.634   1.00 43.89  ? 27  U   A "O4'" 1 
ATOM   563 C  "C3'" . U   A 1 27 ? -6.920  1.747   7.230   1.00 49.13  ? 27  U   A "C3'" 1 
ATOM   564 O  "O3'" . U   A 1 27 ? -7.664  0.698   7.852   1.00 50.56  ? 27  U   A "O3'" 1 
ATOM   565 C  "C2'" . U   A 1 27 ? -7.868  2.561   6.372   1.00 48.79  ? 27  U   A "C2'" 1 
ATOM   566 O  "O2'" . U   A 1 27 ? -9.164  2.673   6.904   1.00 43.64  ? 27  U   A "O2'" 1 
ATOM   567 C  "C1'" . U   A 1 27 ? -7.192  3.936   6.375   1.00 49.62  ? 27  U   A "C1'" 1 
ATOM   568 N  N1    . U   A 1 27 ? -6.222  4.141   5.270   1.00 46.15  ? 27  U   A N1    1 
ATOM   569 C  C2    . U   A 1 27 ? -6.764  4.251   4.001   1.00 54.55  ? 27  U   A C2    1 
ATOM   570 O  O2    . U   A 1 27 ? -7.963  4.143   3.781   1.00 50.00  ? 27  U   A O2    1 
ATOM   571 N  N3    . U   A 1 27 ? -5.853  4.469   2.997   1.00 55.22  ? 27  U   A N3    1 
ATOM   572 C  C4    . U   A 1 27 ? -4.481  4.537   3.112   1.00 54.08  ? 27  U   A C4    1 
ATOM   573 O  O4    . U   A 1 27 ? -3.794  4.646   2.091   1.00 48.24  ? 27  U   A O4    1 
ATOM   574 C  C5    . U   A 1 27 ? -3.990  4.384   4.450   1.00 49.80  ? 27  U   A C5    1 
ATOM   575 C  C6    . U   A 1 27 ? -4.862  4.205   5.463   1.00 45.71  ? 27  U   A C6    1 
ATOM   576 P  P     . G   A 1 28 ? -7.523  -0.877  7.628   1.00 50.46  ? 28  G   A P     1 
ATOM   577 O  OP1   . G   A 1 28 ? -8.618  -1.574  8.346   1.00 55.99  ? 28  G   A OP1   1 
ATOM   578 O  OP2   . G   A 1 28 ? -6.171  -1.421  7.805   1.00 42.23  ? 28  G   A OP2   1 
ATOM   579 O  "O5'" . G   A 1 28 ? -7.844  -0.956  6.048   1.00 47.14  ? 28  G   A "O5'" 1 
ATOM   580 C  "C5'" . G   A 1 28 ? -9.165  -0.767  5.470   1.00 53.90  ? 28  G   A "C5'" 1 
ATOM   581 C  "C4'" . G   A 1 28 ? -9.317  -1.709  4.286   1.00 48.57  ? 28  G   A "C4'" 1 
ATOM   582 O  "O4'" . G   A 1 28 ? -8.405  -1.296  3.229   1.00 45.86  ? 28  G   A "O4'" 1 
ATOM   583 C  "C3'" . G   A 1 28 ? -8.887  -3.135  4.583   1.00 46.54  ? 28  G   A "C3'" 1 
ATOM   584 O  "O3'" . G   A 1 28 ? -10.003 -3.822  5.107   1.00 56.60  ? 28  G   A "O3'" 1 
ATOM   585 C  "C2'" . G   A 1 28 ? -8.552  -3.646  3.196   1.00 53.69  ? 28  G   A "C2'" 1 
ATOM   586 O  "O2'" . G   A 1 28 ? -9.713  -3.778  2.367   1.00 46.86  ? 28  G   A "O2'" 1 
ATOM   587 C  "C1'" . G   A 1 28 ? -7.827  -2.432  2.624   1.00 46.60  ? 28  G   A "C1'" 1 
ATOM   588 N  N9    . G   A 1 28 ? -6.406  -2.419  2.896   1.00 44.73  ? 28  G   A N9    1 
ATOM   589 C  C8    . G   A 1 28 ? -5.748  -1.585  3.764   1.00 45.86  ? 28  G   A C8    1 
ATOM   590 N  N7    . G   A 1 28 ? -4.464  -1.801  3.808   1.00 45.69  ? 28  G   A N7    1 
ATOM   591 C  C5    . G   A 1 28 ? -4.256  -2.835  2.904   1.00 40.45  ? 28  G   A C5    1 
ATOM   592 C  C6    . G   A 1 28 ? -3.053  -3.447  2.475   1.00 40.21  ? 28  G   A C6    1 
ATOM   593 O  O6    . G   A 1 28 ? -1.893  -3.214  2.837   1.00 46.30  ? 28  G   A O6    1 
ATOM   594 N  N1    . G   A 1 28 ? -3.293  -4.433  1.522   1.00 41.00  ? 28  G   A N1    1 
ATOM   595 C  C2    . G   A 1 28 ? -4.528  -4.779  1.037   1.00 42.28  ? 28  G   A C2    1 
ATOM   596 N  N2    . G   A 1 28 ? -4.548  -5.800  0.170   1.00 40.51  ? 28  G   A N2    1 
ATOM   597 N  N3    . G   A 1 28 ? -5.657  -4.173  1.386   1.00 41.17  ? 28  G   A N3    1 
ATOM   598 C  C4    . G   A 1 28 ? -5.444  -3.209  2.312   1.00 43.84  ? 28  G   A C4    1 
ATOM   599 P  P     . C   A 1 29 ? -9.784  -5.041  6.060   1.00 61.09  ? 29  C   A P     1 
ATOM   600 O  OP1   . C   A 1 29 ? -11.200 -5.311  6.420   1.00 59.52  ? 29  C   A OP1   1 
ATOM   601 O  OP2   . C   A 1 29 ? -8.709  -4.871  7.094   1.00 50.16  ? 29  C   A OP2   1 
ATOM   602 O  "O5'" . C   A 1 29 ? -9.209  -6.132  5.049   1.00 54.25  ? 29  C   A "O5'" 1 
ATOM   603 C  "C5'" . C   A 1 29 ? -8.175  -7.003  5.429   1.00 48.91  ? 29  C   A "C5'" 1 
ATOM   604 C  "C4'" . C   A 1 29 ? -7.704  -7.706  4.188   1.00 42.93  ? 29  C   A "C4'" 1 
ATOM   605 O  "O4'" . C   A 1 29 ? -6.884  -6.769  3.476   1.00 41.09  ? 29  C   A "O4'" 1 
ATOM   606 C  "C3'" . C   A 1 29 ? -6.799  -8.867  4.460   1.00 46.43  ? 29  C   A "C3'" 1 
ATOM   607 O  "O3'" . C   A 1 29 ? -7.679  -9.980  4.618   1.00 46.70  ? 29  C   A "O3'" 1 
ATOM   608 C  "C2'" . C   A 1 29 ? -5.954  -8.913  3.204   1.00 46.29  ? 29  C   A "C2'" 1 
ATOM   609 O  "O2'" . C   A 1 29 ? -6.696  -9.515  2.166   1.00 60.04  ? 29  C   A "O2'" 1 
ATOM   610 C  "C1'" . C   A 1 29 ? -5.749  -7.421  2.963   1.00 47.47  ? 29  C   A "C1'" 1 
ATOM   611 N  N1    . C   A 1 29 ? -4.570  -6.859  3.650   1.00 40.94  ? 29  C   A N1    1 
ATOM   612 C  C2    . C   A 1 29 ? -3.324  -7.263  3.198   1.00 46.04  ? 29  C   A C2    1 
ATOM   613 O  O2    . C   A 1 29 ? -3.267  -8.121  2.303   1.00 45.64  ? 29  C   A O2    1 
ATOM   614 N  N3    . C   A 1 29 ? -2.211  -6.739  3.761   1.00 47.16  ? 29  C   A N3    1 
ATOM   615 C  C4    . C   A 1 29 ? -2.321  -5.846  4.750   1.00 47.20  ? 29  C   A C4    1 
ATOM   616 N  N4    . C   A 1 29 ? -1.188  -5.375  5.293   1.00 47.97  ? 29  C   A N4    1 
ATOM   617 C  C5    . C   A 1 29 ? -3.586  -5.375  5.203   1.00 44.59  ? 29  C   A C5    1 
ATOM   618 C  C6    . C   A 1 29 ? -4.681  -5.901  4.624   1.00 50.66  ? 29  C   A C6    1 
ATOM   619 P  P     . C   A 1 30 ? -7.252  -11.125 5.662   1.00 51.93  ? 30  C   A P     1 
ATOM   620 O  OP1   . C   A 1 30 ? -8.448  -11.994 5.820   1.00 61.35  ? 30  C   A OP1   1 
ATOM   621 O  OP2   . C   A 1 30 ? -6.648  -10.469 6.862   1.00 51.88  ? 30  C   A OP2   1 
ATOM   622 O  "O5'" . C   A 1 30 ? -6.099  -12.082 5.155   1.00 46.64  ? 30  C   A "O5'" 1 
ATOM   623 C  "C5'" . C   A 1 30 ? -6.229  -12.759 3.916   1.00 49.88  ? 30  C   A "C5'" 1 
ATOM   624 C  "C4'" . C   A 1 30 ? -4.875  -13.250 3.499   1.00 46.89  ? 30  C   A "C4'" 1 
ATOM   625 O  "O4'" . C   A 1 30 ? -4.038  -12.136 3.079   1.00 54.42  ? 30  C   A "O4'" 1 
ATOM   626 C  "C3'" . C   A 1 30 ? -4.036  -13.923 4.572   1.00 51.25  ? 30  C   A "C3'" 1 
ATOM   627 O  "O3'" . C   A 1 30 ? -4.390  -15.269 4.834   1.00 60.69  ? 30  C   A "O3'" 1 
ATOM   628 C  "C2'" . C   A 1 30 ? -2.661  -13.866 3.937   1.00 54.67  ? 30  C   A "C2'" 1 
ATOM   629 O  "O2'" . C   A 1 30 ? -2.535  -14.802 2.889   1.00 54.59  ? 30  C   A "O2'" 1 
ATOM   630 C  "C1'" . C   A 1 30 ? -2.669  -12.455 3.359   1.00 55.70  ? 30  C   A "C1'" 1 
ATOM   631 N  N1    . C   A 1 30 ? -2.107  -11.414 4.262   1.00 46.42  ? 30  C   A N1    1 
ATOM   632 C  C2    . C   A 1 30 ? -0.726  -11.344 4.414   1.00 50.29  ? 30  C   A C2    1 
ATOM   633 O  O2    . C   A 1 30 ? -0.020  -12.204 3.865   1.00 47.68  ? 30  C   A O2    1 
ATOM   634 N  N3    . C   A 1 30 ? -0.195  -10.366 5.185   1.00 50.82  ? 30  C   A N3    1 
ATOM   635 C  C4    . C   A 1 30 ? -0.996  -9.490  5.792   1.00 51.56  ? 30  C   A C4    1 
ATOM   636 N  N4    . C   A 1 30 ? -0.434  -8.543  6.540   1.00 51.18  ? 30  C   A N4    1 
ATOM   637 C  C5    . C   A 1 30 ? -2.411  -9.522  5.628   1.00 47.16  ? 30  C   A C5    1 
ATOM   638 C  C6    . C   A 1 30 ? -2.916  -10.485 4.852   1.00 45.75  ? 30  C   A C6    1 
ATOM   639 P  P     . U   A 1 31 ? -4.354  -15.898 6.321   1.00 62.05  ? 31  U   A P     1 
ATOM   640 O  OP1   . U   A 1 31 ? -5.362  -16.994 6.293   1.00 72.27  ? 31  U   A OP1   1 
ATOM   641 O  OP2   . U   A 1 31 ? -4.505  -14.835 7.338   1.00 59.90  ? 31  U   A OP2   1 
ATOM   642 O  "O5'" . U   A 1 31 ? -2.925  -16.594 6.345   1.00 56.80  ? 31  U   A "O5'" 1 
ATOM   643 C  "C5'" . U   A 1 31 ? -1.761  -15.807 6.296   1.00 63.85  ? 31  U   A "C5'" 1 
ATOM   644 C  "C4'" . U   A 1 31 ? -0.599  -16.626 5.820   1.00 63.07  ? 31  U   A "C4'" 1 
ATOM   645 O  "O4'" . U   A 1 31 ? 0.224   -15.738 5.025   1.00 58.94  ? 31  U   A "O4'" 1 
ATOM   646 C  "C3'" . U   A 1 31 ? 0.290   -17.093 6.974   1.00 66.15  ? 31  U   A "C3'" 1 
ATOM   647 O  "O3'" . U   A 1 31 ? 0.158   -18.471 7.334   1.00 67.84  ? 31  U   A "O3'" 1 
ATOM   648 C  "C2'" . U   A 1 31 ? 1.690   -16.623 6.575   1.00 63.56  ? 31  U   A "C2'" 1 
ATOM   649 O  "O2'" . U   A 1 31 ? 2.380   -17.520 5.743   1.00 66.44  ? 31  U   A "O2'" 1 
ATOM   650 C  "C1'" . U   A 1 31 ? 1.373   -15.375 5.765   1.00 60.73  ? 31  U   A "C1'" 1 
ATOM   651 N  N1    . U   A 1 31 ? 1.058   -14.184 6.573   1.00 58.35  ? 31  U   A N1    1 
ATOM   652 C  C2    . U   A 1 31 ? 2.106   -13.451 7.111   1.00 60.66  ? 31  U   A C2    1 
ATOM   653 O  O2    . U   A 1 31 ? 3.281   -13.767 6.977   1.00 58.14  ? 31  U   A O2    1 
ATOM   654 N  N3    . U   A 1 31 ? 1.724   -12.346 7.833   1.00 49.52  ? 31  U   A N3    1 
ATOM   655 C  C4    . U   A 1 31 ? 0.434   -11.914 8.079   1.00 52.03  ? 31  U   A C4    1 
ATOM   656 O  O4    . U   A 1 31 ? 0.251   -10.902 8.748   1.00 52.87  ? 31  U   A O4    1 
ATOM   657 C  C5    . U   A 1 31 ? -0.589  -12.726 7.497   1.00 49.21  ? 31  U   A C5    1 
ATOM   658 C  C6    . U   A 1 31 ? -0.251  -13.808 6.784   1.00 56.37  ? 31  U   A C6    1 
ATOM   659 P  P     . G   A 1 32 ? 0.337   -18.789 8.930   1.00 79.28  ? 32  G   A P     1 
ATOM   660 O  OP1   . G   A 1 32 ? 0.224   -20.275 8.971   1.00 71.93  ? 32  G   A OP1   1 
ATOM   661 O  OP2   . G   A 1 32 ? -0.611  -17.971 9.732   1.00 74.45  ? 32  G   A OP2   1 
ATOM   662 O  "O5'" . G   A 1 32 ? 1.784   -18.196 9.287   1.00 65.57  ? 32  G   A "O5'" 1 
ATOM   663 C  "C5'" . G   A 1 32 ? 3.000   -18.971 9.111   1.00 61.96  ? 32  G   A "C5'" 1 
ATOM   664 C  "C4'" . G   A 1 32 ? 4.199   -18.170 9.563   1.00 57.48  ? 32  G   A "C4'" 1 
ATOM   665 O  "O4'" . G   A 1 32 ? 4.051   -16.802 9.118   1.00 60.68  ? 32  G   A "O4'" 1 
ATOM   666 C  "C3'" . G   A 1 32 ? 4.346   -18.022 11.063  1.00 68.92  ? 32  G   A "C3'" 1 
ATOM   667 O  "O3'" . G   A 1 32 ? 4.831   -19.224 11.662  1.00 73.30  ? 32  G   A "O3'" 1 
ATOM   668 C  "C2'" . G   A 1 32 ? 5.204   -16.762 11.191  1.00 59.12  ? 32  G   A "C2'" 1 
ATOM   669 O  "O2'" . G   A 1 32 ? 6.583   -16.853 10.918  1.00 68.77  ? 32  G   A "O2'" 1 
ATOM   670 C  "C1'" . G   A 1 32 ? 4.695   -15.926 10.026  1.00 58.88  ? 32  G   A "C1'" 1 
ATOM   671 N  N9    . G   A 1 32 ? 3.732   -14.903 10.407  1.00 56.07  ? 32  G   A N9    1 
ATOM   672 C  C8    . G   A 1 32 ? 2.376   -14.948 10.195  1.00 57.89  ? 32  G   A C8    1 
ATOM   673 N  N7    . G   A 1 32 ? 1.757   -13.878 10.616  1.00 60.36  ? 32  G   A N7    1 
ATOM   674 C  C5    . G   A 1 32 ? 2.764   -13.093 11.163  1.00 55.43  ? 32  G   A C5    1 
ATOM   675 C  C6    . G   A 1 32 ? 2.697   -11.823 11.788  1.00 56.74  ? 32  G   A C6    1 
ATOM   676 O  O6    . G   A 1 32 ? 1.709   -11.103 11.974  1.00 62.60  ? 32  G   A O6    1 
ATOM   677 N  N1    . G   A 1 32 ? 3.954   -11.386 12.193  1.00 63.29  ? 32  G   A N1    1 
ATOM   678 C  C2    . G   A 1 32 ? 5.122   -12.087 12.035  1.00 59.13  ? 32  G   A C2    1 
ATOM   679 N  N2    . G   A 1 32 ? 6.231   -11.494 12.511  1.00 56.14  ? 32  G   A N2    1 
ATOM   680 N  N3    . G   A 1 32 ? 5.197   -13.281 11.466  1.00 57.52  ? 32  G   A N3    1 
ATOM   681 C  C4    . G   A 1 32 ? 3.988   -13.715 11.049  1.00 54.14  ? 32  G   A C4    1 
ATOM   682 P  P     . C   A 1 33 ? 4.402   -19.564 13.182  1.00 69.80  ? 33  C   A P     1 
ATOM   683 O  OP1   . C   A 1 33 ? 4.971   -20.883 13.484  1.00 70.77  ? 33  C   A OP1   1 
ATOM   684 O  OP2   . C   A 1 33 ? 2.942   -19.342 13.410  1.00 68.62  ? 33  C   A OP2   1 
ATOM   685 O  "O5'" . C   A 1 33 ? 5.166   -18.378 13.927  1.00 62.66  ? 33  C   A "O5'" 1 
ATOM   686 C  "C5'" . C   A 1 33 ? 6.532   -18.528 14.343  1.00 65.63  ? 33  C   A "C5'" 1 
ATOM   687 C  "C4'" . C   A 1 33 ? 7.062   -17.193 14.780  1.00 65.74  ? 33  C   A "C4'" 1 
ATOM   688 O  "O4'" . C   A 1 33 ? 6.490   -16.156 13.947  1.00 69.54  ? 33  C   A "O4'" 1 
ATOM   689 C  "C3'" . C   A 1 33 ? 6.653   -16.774 16.179  1.00 73.03  ? 33  C   A "C3'" 1 
ATOM   690 O  "O3'" . C   A 1 33 ? 7.295   -17.526 17.206  1.00 75.49  ? 33  C   A "O3'" 1 
ATOM   691 C  "C2'" . C   A 1 33 ? 6.843   -15.258 16.123  1.00 72.58  ? 33  C   A "C2'" 1 
ATOM   692 O  "O2'" . C   A 1 33 ? 8.106   -14.637 16.321  1.00 67.62  ? 33  C   A "O2'" 1 
ATOM   693 C  "C1'" . C   A 1 33 ? 6.360   -14.962 14.703  1.00 66.87  ? 33  C   A "C1'" 1 
ATOM   694 N  N1    . C   A 1 33 ? 4.952   -14.538 14.667  1.00 63.35  ? 33  C   A N1    1 
ATOM   695 C  C2    . C   A 1 33 ? 4.641   -13.248 15.113  1.00 67.64  ? 33  C   A C2    1 
ATOM   696 O  O2    . C   A 1 33 ? 5.557   -12.532 15.561  1.00 67.01  ? 33  C   A O2    1 
ATOM   697 N  N3    . C   A 1 33 ? 3.357   -12.816 15.050  1.00 64.15  ? 33  C   A N3    1 
ATOM   698 C  C4    . C   A 1 33 ? 2.403   -13.626 14.583  1.00 52.56  ? 33  C   A C4    1 
ATOM   699 N  N4    . C   A 1 33 ? 1.156   -13.156 14.541  1.00 58.80  ? 33  C   A N4    1 
ATOM   700 C  C5    . C   A 1 33 ? 2.696   -14.939 14.104  1.00 61.99  ? 33  C   A C5    1 
ATOM   701 C  C6    . C   A 1 33 ? 3.968   -15.359 14.185  1.00 60.36  ? 33  C   A C6    1 
ATOM   702 P  P     . U   A 1 34 ? 6.468   -17.901 18.537  1.00 81.54  ? 34  U   A P     1 
ATOM   703 O  OP1   . U   A 1 34 ? 7.493   -18.473 19.456  1.00 99.56  ? 34  U   A OP1   1 
ATOM   704 O  OP2   . U   A 1 34 ? 5.223   -18.673 18.275  1.00 77.76  ? 34  U   A OP2   1 
ATOM   705 O  "O5'" . U   A 1 34 ? 6.049   -16.467 19.079  1.00 63.00  ? 34  U   A "O5'" 1 
ATOM   706 C  "C5'" . U   A 1 34 ? 7.052   -15.514 19.464  1.00 69.37  ? 34  U   A "C5'" 1 
ATOM   707 C  "C4'" . U   A 1 34 ? 6.389   -14.265 19.962  1.00 70.15  ? 34  U   A "C4'" 1 
ATOM   708 O  "O4'" . U   A 1 34 ? 5.631   -13.661 18.880  1.00 67.99  ? 34  U   A "O4'" 1 
ATOM   709 C  "C3'" . U   A 1 34 ? 5.359   -14.477 21.054  1.00 66.00  ? 34  U   A "C3'" 1 
ATOM   710 O  "O3'" . U   A 1 34 ? 6.048   -14.484 22.297  1.00 74.71  ? 34  U   A "O3'" 1 
ATOM   711 C  "C2'" . U   A 1 34 ? 4.516   -13.222 20.920  1.00 59.69  ? 34  U   A "C2'" 1 
ATOM   712 O  "O2'" . U   A 1 34 ? 5.319   -12.156 21.383  1.00 53.53  ? 34  U   A "O2'" 1 
ATOM   713 C  "C1'" . U   A 1 34 ? 4.456   -13.058 19.398  1.00 62.94  ? 34  U   A "C1'" 1 
ATOM   714 N  N1    . U   A 1 34 ? 3.291   -13.663 18.722  1.00 50.12  ? 34  U   A N1    1 
ATOM   715 C  C2    . U   A 1 34 ? 2.170   -12.868 18.523  1.00 46.27  ? 34  U   A C2    1 
ATOM   716 O  O2    . U   A 1 34 ? 2.125   -11.693 18.839  1.00 44.26  ? 34  U   A O2    1 
ATOM   717 N  N3    . U   A 1 34 ? 1.154   -13.472 17.821  1.00 44.40  ? 34  U   A N3    1 
ATOM   718 C  C4    . U   A 1 34 ? 1.099   -14.780 17.378  1.00 46.31  ? 34  U   A C4    1 
ATOM   719 O  O4    . U   A 1 34 ? 0.081   -15.181 16.791  1.00 48.12  ? 34  U   A O4    1 
ATOM   720 C  C5    . U   A 1 34 ? 2.286   -15.546 17.638  1.00 53.04  ? 34  U   A C5    1 
ATOM   721 C  C6    . U   A 1 34 ? 3.308   -14.982 18.308  1.00 49.94  ? 34  U   A C6    1 
ATOM   722 P  P     . G   A 1 35 ? 5.477   -15.276 23.573  1.00 68.02  ? 35  G   A P     1 
ATOM   723 O  OP1   . G   A 1 35 ? 6.607   -15.319 24.547  1.00 85.87  ? 35  G   A OP1   1 
ATOM   724 O  OP2   . G   A 1 35 ? 4.833   -16.567 23.168  1.00 59.98  ? 35  G   A OP2   1 
ATOM   725 O  "O5'" . G   A 1 35 ? 4.430   -14.248 24.213  1.00 70.03  ? 35  G   A "O5'" 1 
ATOM   726 C  "C5'" . G   A 1 35 ? 4.879   -13.057 24.901  1.00 66.65  ? 35  G   A "C5'" 1 
ATOM   727 C  "C4'" . G   A 1 35 ? 3.714   -12.191 25.345  1.00 70.88  ? 35  G   A "C4'" 1 
ATOM   728 O  "O4'" . G   A 1 35 ? 2.819   -11.981 24.218  1.00 67.90  ? 35  G   A "O4'" 1 
ATOM   729 C  "C3'" . G   A 1 35 ? 2.850   -12.758 26.468  1.00 67.57  ? 35  G   A "C3'" 1 
ATOM   730 O  "O3'" . G   A 1 35 ? 2.196   -11.782 27.282  1.00 73.98  ? 35  G   A "O3'" 1 
ATOM   731 C  "C2'" . G   A 1 35 ? 1.771   -13.515 25.710  1.00 70.95  ? 35  G   A "C2'" 1 
ATOM   732 O  "O2'" . G   A 1 35 ? 0.574   -13.605 26.474  1.00 69.94  ? 35  G   A "O2'" 1 
ATOM   733 C  "C1'" . G   A 1 35 ? 1.596   -12.640 24.465  1.00 65.25  ? 35  G   A "C1'" 1 
ATOM   734 N  N9    . G   A 1 35 ? 1.178   -13.355 23.256  1.00 59.95  ? 35  G   A N9    1 
ATOM   735 C  C8    . G   A 1 35 ? 1.642   -14.555 22.766  1.00 65.09  ? 35  G   A C8    1 
ATOM   736 N  N7    . G   A 1 35 ? 1.010   -14.951 21.690  1.00 52.21  ? 35  G   A N7    1 
ATOM   737 C  C5    . G   A 1 35 ? 0.075   -13.951 21.454  1.00 49.28  ? 35  G   A C5    1 
ATOM   738 C  C6    . G   A 1 35 ? -0.908  -13.826 20.425  1.00 45.62  ? 35  G   A C6    1 
ATOM   739 O  O6    . G   A 1 35 ? -1.129  -14.584 19.467  1.00 46.12  ? 35  G   A O6    1 
ATOM   740 N  N1    . G   A 1 35 ? -1.661  -12.668 20.580  1.00 43.65  ? 35  G   A N1    1 
ATOM   741 C  C2    . G   A 1 35 ? -1.518  -11.763 21.600  1.00 40.75  ? 35  G   A C2    1 
ATOM   742 N  N2    . G   A 1 35 ? -2.343  -10.717 21.572  1.00 39.55  ? 35  G   A N2    1 
ATOM   743 N  N3    . G   A 1 35 ? -0.571  -11.834 22.530  1.00 43.50  ? 35  G   A N3    1 
ATOM   744 C  C4    . G   A 1 35 ? 0.167   -12.956 22.411  1.00 50.10  ? 35  G   A C4    1 
HETATM 745 MG MG    . MG  B 2 .  ? -1.331  18.549  -10.606 1.00 77.58  ? 101 MG  A MG    1 
HETATM 746 MG MG    . MG  C 2 .  ? -4.489  10.061  -12.919 1.00 71.67  ? 102 MG  A MG    1 
HETATM 747 MG MG    . MG  D 2 .  ? -1.406  -10.970 12.269  1.00 74.83  ? 103 MG  A MG    1 
HETATM 748 MG MG    . MG  E 2 .  ? -4.451  5.187   -5.820  1.00 73.07  ? 104 MG  A MG    1 
HETATM 749 MG MG    . MG  F 2 .  ? -9.182  -3.264  10.366  1.00 79.95  ? 105 MG  A MG    1 
HETATM 750 O  O     . HOH G 3 .  ? -4.270  -9.410  0.309   1.00 48.96  ? 201 HOH A O     1 
HETATM 751 O  O     . HOH G 3 .  ? -8.651  -0.827  -7.505  1.00 46.79  ? 202 HOH A O     1 
HETATM 752 O  O     . HOH G 3 .  ? 3.537   7.351   -19.004 1.00 55.46  ? 203 HOH A O     1 
HETATM 753 O  O     . HOH G 3 .  ? -10.575 3.289   3.176   1.00 60.26  ? 204 HOH A O     1 
HETATM 754 O  O     . HOH G 3 .  ? -2.985  14.461  1.410   1.00 53.91  ? 205 HOH A O     1 
HETATM 755 O  O     . HOH G 3 .  ? 4.143   12.961  -18.943 1.00 50.86  ? 206 HOH A O     1 
HETATM 756 O  O     . HOH G 3 .  ? -1.667  -12.097 15.059  1.00 43.38  ? 207 HOH A O     1 
HETATM 757 O  O     . HOH G 3 .  ? -1.066  5.455   7.074   1.00 49.50  ? 208 HOH A O     1 
HETATM 758 O  O     . HOH G 3 .  ? 0.837   -1.164  2.089   1.00 42.21  ? 209 HOH A O     1 
HETATM 759 O  O     . HOH G 3 .  ? -8.690  -14.605 6.680   1.00 51.28  ? 210 HOH A O     1 
HETATM 760 O  O     . HOH G 3 .  ? 0.398   3.322   -8.776  1.00 61.29  ? 211 HOH A O     1 
HETATM 761 O  O     . HOH G 3 .  ? 0.947   -17.322 13.093  1.00 62.12  ? 212 HOH A O     1 
HETATM 762 O  O     . HOH G 3 .  ? -4.718  13.489  -15.123 1.00 57.61  ? 213 HOH A O     1 
HETATM 763 O  O     . HOH G 3 .  ? -4.065  9.990   -15.151 1.00 54.65  ? 214 HOH A O     1 
HETATM 764 O  O     . HOH G 3 .  ? 0.816   4.509   -11.436 1.00 65.31  ? 215 HOH A O     1 
HETATM 765 O  O     . HOH G 3 .  ? 10.414  4.138   -8.788  1.00 66.71  ? 216 HOH A O     1 
HETATM 766 O  O     . HOH G 3 .  ? -5.286  11.825  -12.971 1.00 72.07  ? 217 HOH A O     1 
HETATM 767 O  O     . HOH G 3 .  ? -5.839  3.433   -16.108 1.00 69.78  ? 218 HOH A O     1 
HETATM 768 O  O     . HOH G 3 .  ? -1.877  -22.030 8.675   1.00 75.19  ? 219 HOH A O     1 
HETATM 769 O  O     . HOH G 3 .  ? 5.678   -1.768  19.593  1.00 70.01  ? 220 HOH A O     1 
HETATM 770 O  O     . HOH G 3 .  ? -0.995  -13.926 10.823  1.00 56.18  ? 221 HOH A O     1 
HETATM 771 O  O     . HOH G 3 .  ? -0.670  -18.080 16.435  1.00 68.84  ? 222 HOH A O     1 
HETATM 772 O  O     . HOH G 3 .  ? -6.231  -9.010  22.180  1.00 55.00  ? 223 HOH A O     1 
HETATM 773 O  O     . HOH G 3 .  ? -0.998  14.070  -8.304  1.00 59.95  ? 224 HOH A O     1 
HETATM 774 O  O     . HOH G 3 .  ? -0.890  6.167   4.398   1.00 56.12  ? 225 HOH A O     1 
HETATM 775 O  O     . HOH G 3 .  ? -2.438  11.488  -12.547 1.00 50.83  ? 226 HOH A O     1 
HETATM 776 O  O     . HOH G 3 .  ? -1.790  15.941  -10.489 1.00 54.07  ? 227 HOH A O     1 
HETATM 777 O  O     . HOH G 3 .  ? -2.212  18.161  -12.554 1.00 62.90  ? 228 HOH A O     1 
HETATM 778 O  O     . HOH G 3 .  ? 3.648   0.851   -5.151  1.00 59.00  ? 229 HOH A O     1 
HETATM 779 O  O     . HOH G 3 .  ? -3.415  18.336  -9.632  1.00 59.03  ? 230 HOH A O     1 
HETATM 780 O  O     . HOH G 3 .  ? 0.297   18.057  -11.955 1.00 51.54  ? 231 HOH A O     1 
HETATM 781 O  O     . HOH G 3 .  ? -11.487 -1.242  9.109   1.00 60.53  ? 232 HOH A O     1 
HETATM 782 O  O     . HOH G 3 .  ? 4.293   -9.971  21.934  1.00 69.97  ? 233 HOH A O     1 
HETATM 783 O  O     . HOH G 3 .  ? -1.011  -5.452  -9.075  1.00 72.26  ? 234 HOH A O     1 
HETATM 784 O  O     . HOH G 3 .  ? -3.778  -1.158  8.364   1.00 61.37  ? 235 HOH A O     1 
HETATM 785 O  O     . HOH G 3 .  ? 6.791   11.727  -9.278  1.00 73.48  ? 236 HOH A O     1 
HETATM 786 O  O     . HOH G 3 .  ? -2.062  -8.929  23.777  1.00 59.89  ? 237 HOH A O     1 
HETATM 787 O  O     . HOH G 3 .  ? 2.893   18.656  -10.996 1.00 64.68  ? 238 HOH A O     1 
HETATM 788 O  O     . HOH G 3 .  ? -2.953  8.194   -12.851 1.00 55.99  ? 239 HOH A O     1 
HETATM 789 O  O     . HOH G 3 .  ? 9.052   4.603   -1.925  1.00 75.48  ? 240 HOH A O     1 
HETATM 790 O  O     . HOH G 3 .  ? -2.724  -15.505 15.068  1.00 61.61  ? 241 HOH A O     1 
HETATM 791 O  O     . HOH G 3 .  ? 1.400   -17.303 20.370  1.00 67.21  ? 242 HOH A O     1 
HETATM 792 O  O     . HOH G 3 .  ? 6.902   0.759   -15.827 1.00 71.62  ? 243 HOH A O     1 
HETATM 793 O  O     . HOH G 3 .  ? -6.479  -0.031  -10.966 1.00 78.56  ? 244 HOH A O     1 
# 
